data_7ADA
#
_entry.id   7ADA
#
_cell.length_a   74.070
_cell.length_b   58.679
_cell.length_c   118.155
_cell.angle_alpha   90.000
_cell.angle_beta   92.208
_cell.angle_gamma   90.000
#
_symmetry.space_group_name_H-M   'P 1 21 1'
#
_entity_poly.entity_id   1
_entity_poly.type   'polypeptide(L)'
_entity_poly.pdbx_seq_one_letter_code
;TPEGLSSEQQRAFLAVTQTPHPAHLITGPAGTGKTTLLYALQKFYKGRAVTLAPTGTAALQARGQTVHSFFRFPARLLRY
RHPEDIRPPGPHSPLRKAIECMEVLILDEVGMVRVDLLEAMDWALRKTRKRLEEPFGGVKVLLLGDTRQLEPVVPGGEEA
LYIARTWGGPFFFQAHVWEEVALRVHRLWESQRQREDPLFAELLKRLRQGDPQALETLNRAAVRPDGGEEPGTLILTPRR
KEADALNLKRLEALPGKPLEYQAQVKGEFAETDFPTEAALTLKKGAQVILLRNDPLGEYFNGDLGWVEDLEAEALAVRLK
RNGRRVVIRPFVWEKIVYTYDSERECIKPQVVGTFRQVPVRLAWALTVHKAQGLTLDKVHLELGRGLFAHGQLYVALTRV
RRLQDLSLSRPIAPTELLWRPEVEVFETRIQEGIWQKSHGWPSLVD
;
_entity_poly.pdbx_strand_id   A,B
#
# COMPACT_ATOMS: atom_id res chain seq x y z
N GLY A 4 29.01 -25.13 -4.43
CA GLY A 4 29.75 -25.68 -3.32
C GLY A 4 29.21 -25.25 -1.97
N LEU A 5 27.89 -25.17 -1.86
CA LEU A 5 27.24 -24.75 -0.64
C LEU A 5 27.14 -25.89 0.38
N SER A 6 27.35 -25.55 1.64
CA SER A 6 27.20 -26.48 2.76
C SER A 6 25.73 -26.67 3.11
N SER A 7 25.47 -27.70 3.91
CA SER A 7 24.09 -28.02 4.31
C SER A 7 23.43 -26.85 5.02
N GLU A 8 24.18 -26.06 5.79
CA GLU A 8 23.61 -24.90 6.48
C GLU A 8 23.16 -23.85 5.48
N GLN A 9 23.99 -23.56 4.48
CA GLN A 9 23.61 -22.64 3.41
C GLN A 9 22.54 -23.23 2.51
N GLN A 10 22.70 -24.50 2.14
CA GLN A 10 21.71 -25.17 1.28
C GLN A 10 20.36 -25.32 1.97
N ARG A 11 20.32 -25.23 3.31
CA ARG A 11 19.03 -25.26 4.00
C ARG A 11 18.25 -23.97 3.76
N ALA A 12 18.93 -22.83 3.84
CA ALA A 12 18.27 -21.56 3.58
C ALA A 12 17.96 -21.40 2.10
N PHE A 13 18.91 -21.77 1.23
CA PHE A 13 18.72 -21.60 -0.21
C PHE A 13 17.44 -22.27 -0.69
N LEU A 14 17.30 -23.57 -0.41
CA LEU A 14 16.15 -24.32 -0.92
C LEU A 14 14.85 -23.91 -0.23
N ALA A 15 14.93 -23.49 1.04
CA ALA A 15 13.74 -23.00 1.72
C ALA A 15 13.25 -21.69 1.09
N VAL A 16 14.18 -20.84 0.67
CA VAL A 16 13.84 -19.53 0.11
C VAL A 16 13.61 -19.61 -1.40
N THR A 17 14.56 -20.17 -2.14
CA THR A 17 14.49 -20.19 -3.60
C THR A 17 13.28 -20.98 -4.11
N GLN A 18 12.69 -21.85 -3.30
CA GLN A 18 11.52 -22.63 -3.74
C GLN A 18 10.40 -22.42 -2.73
N THR A 19 9.56 -21.43 -2.99
CA THR A 19 8.21 -21.22 -2.47
C THR A 19 7.66 -20.02 -3.23
N PRO A 20 6.35 -19.85 -3.37
CA PRO A 20 5.84 -18.61 -3.97
C PRO A 20 5.88 -17.41 -3.04
N HIS A 21 6.33 -17.58 -1.80
CA HIS A 21 6.30 -16.50 -0.83
C HIS A 21 7.35 -15.42 -1.11
N PRO A 22 6.97 -14.15 -1.28
CA PRO A 22 7.99 -13.12 -1.61
C PRO A 22 8.95 -12.78 -0.47
N ALA A 23 8.44 -12.61 0.75
CA ALA A 23 9.24 -12.03 1.83
C ALA A 23 10.09 -13.09 2.52
N HIS A 24 11.39 -12.83 2.64
CA HIS A 24 12.31 -13.78 3.27
C HIS A 24 13.49 -13.00 3.86
N LEU A 25 13.50 -12.82 5.17
CA LEU A 25 14.68 -12.30 5.87
C LEU A 25 15.61 -13.45 6.24
N ILE A 26 16.91 -13.19 6.14
CA ILE A 26 17.95 -14.14 6.53
C ILE A 26 18.94 -13.44 7.45
N THR A 27 18.95 -13.82 8.71
CA THR A 27 19.83 -13.19 9.69
C THR A 27 21.02 -14.10 9.96
N GLY A 28 22.13 -13.49 10.35
CA GLY A 28 23.36 -14.21 10.67
C GLY A 28 24.56 -13.31 10.53
N PRO A 29 25.66 -13.64 11.21
CA PRO A 29 26.83 -12.75 11.19
C PRO A 29 27.44 -12.66 9.81
N ALA A 30 28.14 -11.56 9.59
CA ALA A 30 28.89 -11.37 8.36
C ALA A 30 30.07 -12.33 8.30
N GLY A 31 30.66 -12.44 7.12
CA GLY A 31 31.87 -13.22 6.91
C GLY A 31 31.65 -14.35 5.92
N THR A 32 32.73 -15.10 5.72
CA THR A 32 32.72 -16.21 4.78
C THR A 32 31.59 -17.20 5.12
N GLY A 33 30.95 -17.71 4.08
CA GLY A 33 29.82 -18.60 4.25
C GLY A 33 28.52 -17.84 4.02
N LYS A 34 28.49 -16.60 4.52
CA LYS A 34 27.39 -15.69 4.21
C LYS A 34 27.61 -15.01 2.87
N THR A 35 28.84 -14.60 2.60
CA THR A 35 29.18 -14.02 1.30
C THR A 35 28.97 -15.04 0.18
N THR A 36 29.43 -16.28 0.38
CA THR A 36 29.23 -17.32 -0.61
C THR A 36 27.75 -17.61 -0.81
N LEU A 37 26.97 -17.54 0.27
CA LEU A 37 25.53 -17.76 0.17
C LEU A 37 24.88 -16.73 -0.75
N LEU A 38 25.31 -15.47 -0.66
CA LEU A 38 24.79 -14.44 -1.55
C LEU A 38 25.22 -14.69 -2.99
N TYR A 39 26.51 -14.99 -3.21
CA TYR A 39 27.00 -15.28 -4.54
C TYR A 39 26.24 -16.43 -5.18
N ALA A 40 25.94 -17.48 -4.40
CA ALA A 40 25.17 -18.60 -4.94
C ALA A 40 23.73 -18.20 -5.23
N LEU A 41 23.18 -17.28 -4.45
CA LEU A 41 21.81 -16.84 -4.66
C LEU A 41 21.70 -15.98 -5.90
N GLN A 42 22.59 -14.98 -6.03
CA GLN A 42 22.50 -14.05 -7.15
C GLN A 42 22.77 -14.76 -8.47
N LYS A 43 23.66 -15.75 -8.49
CA LYS A 43 23.94 -16.47 -9.73
C LYS A 43 22.85 -17.48 -10.09
N PHE A 44 22.18 -18.06 -9.10
CA PHE A 44 21.07 -18.96 -9.38
C PHE A 44 19.92 -18.24 -10.07
N TYR A 45 19.71 -16.97 -9.70
CA TYR A 45 18.69 -16.07 -10.23
C TYR A 45 19.14 -15.30 -11.46
N LYS A 46 20.40 -15.46 -11.87
CA LYS A 46 21.23 -14.39 -12.43
C LYS A 46 20.51 -13.44 -13.39
N GLY A 47 19.75 -13.96 -14.36
CA GLY A 47 19.18 -13.02 -15.31
C GLY A 47 17.95 -12.28 -14.86
N ARG A 48 17.37 -12.62 -13.70
CA ARG A 48 16.08 -12.06 -13.28
C ARG A 48 16.14 -11.34 -11.94
N ALA A 49 17.32 -11.02 -11.44
CA ALA A 49 17.43 -10.51 -10.08
C ALA A 49 18.54 -9.48 -9.96
N VAL A 50 18.30 -8.47 -9.13
CA VAL A 50 19.27 -7.45 -8.80
C VAL A 50 19.64 -7.55 -7.33
N THR A 51 20.93 -7.35 -7.04
CA THR A 51 21.45 -7.30 -5.67
C THR A 51 21.65 -5.82 -5.30
N LEU A 52 20.88 -5.32 -4.35
CA LEU A 52 20.97 -3.93 -3.93
C LEU A 52 21.34 -3.83 -2.46
N ALA A 53 21.83 -2.65 -2.08
CA ALA A 53 22.28 -2.41 -0.71
C ALA A 53 22.10 -0.95 -0.35
N PRO A 54 21.96 -0.62 0.94
CA PRO A 54 21.66 0.78 1.30
C PRO A 54 22.82 1.73 1.16
N THR A 55 24.06 1.30 1.40
CA THR A 55 25.23 2.16 1.33
C THR A 55 26.16 1.73 0.20
N GLY A 56 27.06 2.64 -0.17
CA GLY A 56 28.04 2.33 -1.20
C GLY A 56 29.00 1.24 -0.79
N THR A 57 29.44 1.26 0.48
CA THR A 57 30.31 0.20 0.99
C THR A 57 29.61 -1.16 0.96
N ALA A 58 28.35 -1.20 1.41
CA ALA A 58 27.58 -2.43 1.38
C ALA A 58 27.34 -2.90 -0.05
N ALA A 59 27.08 -1.97 -0.97
CA ALA A 59 26.85 -2.32 -2.37
C ALA A 59 28.12 -2.89 -3.01
N LEU A 60 29.27 -2.30 -2.70
CA LEU A 60 30.52 -2.74 -3.31
C LEU A 60 30.86 -4.18 -2.91
N GLN A 61 30.87 -4.45 -1.60
CA GLN A 61 31.23 -5.77 -1.10
C GLN A 61 30.19 -6.84 -1.43
N ALA A 62 29.02 -6.45 -1.95
CA ALA A 62 27.96 -7.41 -2.29
C ALA A 62 27.75 -7.54 -3.79
N ARG A 63 28.67 -7.03 -4.61
CA ARG A 63 28.59 -7.12 -6.07
C ARG A 63 27.30 -6.46 -6.58
N GLY A 64 26.91 -5.37 -5.94
CA GLY A 64 25.61 -4.79 -6.23
C GLY A 64 25.59 -3.28 -6.39
N GLN A 65 24.38 -2.74 -6.47
CA GLN A 65 24.15 -1.32 -6.68
C GLN A 65 23.48 -0.72 -5.46
N THR A 66 23.70 0.59 -5.25
CA THR A 66 23.03 1.25 -4.15
C THR A 66 21.53 1.27 -4.41
N VAL A 67 20.76 1.22 -3.32
CA VAL A 67 19.31 1.25 -3.43
C VAL A 67 18.86 2.55 -4.08
N HIS A 68 19.44 3.67 -3.66
CA HIS A 68 19.06 4.97 -4.21
C HIS A 68 19.49 5.10 -5.67
N SER A 69 20.70 4.63 -6.00
CA SER A 69 21.21 4.84 -7.34
C SER A 69 20.47 3.99 -8.37
N PHE A 70 19.95 2.84 -7.95
CA PHE A 70 19.17 2.01 -8.87
C PHE A 70 17.83 2.68 -9.17
N PHE A 71 17.06 2.95 -8.11
CA PHE A 71 15.73 3.55 -8.23
C PHE A 71 15.77 5.06 -8.49
N ARG A 72 16.96 5.65 -8.62
CA ARG A 72 17.11 7.10 -8.78
C ARG A 72 16.44 7.89 -7.64
N PHE A 73 16.39 7.28 -6.46
CA PHE A 73 15.81 7.94 -5.30
C PHE A 73 16.69 9.11 -4.85
N PRO A 74 16.10 10.25 -4.47
CA PRO A 74 16.90 11.39 -4.03
C PRO A 74 17.35 11.26 -2.58
N ALA A 75 18.47 11.94 -2.29
CA ALA A 75 19.17 11.81 -1.01
C ALA A 75 18.48 12.63 0.09
N ARG A 76 17.28 12.20 0.45
CA ARG A 76 16.50 12.90 1.46
C ARG A 76 15.41 11.97 1.98
N LEU A 77 14.68 12.45 2.99
CA LEU A 77 13.58 11.71 3.59
C LEU A 77 12.57 11.31 2.53
N LEU A 78 12.39 10.00 2.36
CA LEU A 78 11.46 9.46 1.36
C LEU A 78 10.06 9.43 1.95
N ARG A 79 9.30 10.49 1.72
CA ARG A 79 7.94 10.61 2.26
C ARG A 79 7.04 9.51 1.69
N TYR A 80 6.25 8.91 2.59
CA TYR A 80 5.43 7.74 2.27
C TYR A 80 4.61 7.93 1.01
N ARG A 81 4.86 7.10 0.01
CA ARG A 81 4.13 7.02 -1.26
C ARG A 81 4.11 8.35 -2.00
N HIS A 82 4.97 9.27 -1.61
CA HIS A 82 4.98 10.62 -2.15
C HIS A 82 5.59 10.63 -3.53
N PRO A 83 4.89 11.16 -4.54
CA PRO A 83 5.47 11.18 -5.90
C PRO A 83 6.60 12.20 -6.06
N GLU A 84 6.64 13.26 -5.24
CA GLU A 84 7.77 14.19 -5.31
C GLU A 84 9.07 13.51 -4.96
N ASP A 85 9.02 12.43 -4.17
CA ASP A 85 10.18 11.64 -3.81
C ASP A 85 10.29 10.37 -4.63
N ILE A 86 9.23 9.57 -4.66
CA ILE A 86 9.20 8.31 -5.38
C ILE A 86 8.65 8.57 -6.78
N ARG A 87 9.53 8.55 -7.78
CA ARG A 87 9.13 8.85 -9.16
C ARG A 87 9.30 7.61 -10.02
N PRO A 88 8.22 7.00 -10.49
CA PRO A 88 8.34 5.82 -11.35
C PRO A 88 9.05 6.15 -12.67
N PRO A 89 9.93 5.28 -13.14
CA PRO A 89 10.51 5.46 -14.47
C PRO A 89 9.45 5.34 -15.56
N GLY A 90 9.37 6.37 -16.39
CA GLY A 90 8.37 6.47 -17.44
C GLY A 90 8.48 5.38 -18.50
N PRO A 91 7.62 5.46 -19.52
CA PRO A 91 7.63 4.44 -20.57
C PRO A 91 8.98 4.33 -21.26
N HIS A 92 9.40 3.10 -21.52
CA HIS A 92 10.64 2.74 -22.20
C HIS A 92 11.89 3.23 -21.47
N SER A 93 11.73 3.72 -20.23
CA SER A 93 12.87 4.14 -19.44
C SER A 93 13.87 3.00 -19.28
N PRO A 94 15.17 3.32 -19.24
CA PRO A 94 16.17 2.25 -19.00
C PRO A 94 15.97 1.53 -17.68
N LEU A 95 15.17 2.07 -16.77
CA LEU A 95 14.91 1.43 -15.49
C LEU A 95 13.62 0.60 -15.50
N ARG A 96 12.55 1.12 -16.09
CA ARG A 96 11.29 0.39 -16.15
C ARG A 96 11.45 -0.98 -16.77
N LYS A 97 12.26 -1.09 -17.83
CA LYS A 97 12.43 -2.38 -18.51
C LYS A 97 13.04 -3.42 -17.57
N ALA A 98 13.96 -3.00 -16.69
CA ALA A 98 14.63 -3.96 -15.82
C ALA A 98 13.74 -4.40 -14.66
N ILE A 99 13.01 -3.46 -14.04
CA ILE A 99 12.16 -3.84 -12.91
C ILE A 99 10.96 -4.64 -13.41
N GLU A 100 10.50 -4.38 -14.64
CA GLU A 100 9.38 -5.13 -15.18
C GLU A 100 9.73 -6.60 -15.38
N CYS A 101 10.93 -6.90 -15.90
CA CYS A 101 11.33 -8.29 -16.14
C CYS A 101 12.13 -8.89 -14.99
N MET A 102 11.93 -8.40 -13.76
CA MET A 102 12.59 -8.96 -12.60
C MET A 102 11.59 -9.74 -11.75
N GLU A 103 12.09 -10.78 -11.08
CA GLU A 103 11.26 -11.62 -10.23
C GLU A 103 11.70 -11.62 -8.77
N VAL A 104 13.01 -11.57 -8.51
CA VAL A 104 13.55 -11.59 -7.17
C VAL A 104 14.42 -10.35 -6.96
N LEU A 105 14.27 -9.71 -5.79
CA LEU A 105 15.11 -8.61 -5.38
C LEU A 105 15.87 -9.01 -4.12
N ILE A 106 17.16 -8.72 -4.09
CA ILE A 106 18.01 -9.03 -2.94
C ILE A 106 18.42 -7.73 -2.27
N LEU A 107 18.40 -7.72 -0.93
CA LEU A 107 18.76 -6.55 -0.13
C LEU A 107 19.79 -6.92 0.93
N ASP A 108 21.08 -6.76 0.63
CA ASP A 108 22.12 -7.01 1.61
C ASP A 108 22.18 -5.87 2.63
N GLU A 109 22.60 -6.23 3.85
CA GLU A 109 22.71 -5.29 4.98
C GLU A 109 21.40 -4.55 5.23
N VAL A 110 20.30 -5.30 5.21
CA VAL A 110 18.98 -4.73 5.50
C VAL A 110 18.98 -3.99 6.83
N GLY A 111 19.88 -4.36 7.75
CA GLY A 111 19.97 -3.66 9.02
C GLY A 111 20.13 -2.16 8.91
N MET A 112 20.79 -1.69 7.85
CA MET A 112 21.04 -0.26 7.66
C MET A 112 20.03 0.40 6.73
N VAL A 113 18.95 -0.28 6.37
CA VAL A 113 17.91 0.31 5.52
C VAL A 113 16.93 1.05 6.39
N ARG A 114 16.86 2.37 6.24
CA ARG A 114 15.90 3.17 6.98
C ARG A 114 14.49 2.96 6.42
N VAL A 115 13.52 2.91 7.32
CA VAL A 115 12.12 2.57 7.05
C VAL A 115 11.58 3.27 5.81
N ASP A 116 11.79 4.59 5.70
CA ASP A 116 11.30 5.35 4.55
C ASP A 116 11.88 4.81 3.24
N LEU A 117 13.07 4.21 3.29
CA LEU A 117 13.73 3.69 2.10
C LEU A 117 13.14 2.36 1.67
N LEU A 118 12.76 1.51 2.64
CA LEU A 118 12.10 0.26 2.30
C LEU A 118 10.70 0.52 1.75
N GLU A 119 9.98 1.48 2.34
CA GLU A 119 8.67 1.84 1.84
C GLU A 119 8.76 2.46 0.44
N ALA A 120 9.85 3.17 0.16
CA ALA A 120 10.05 3.70 -1.18
C ALA A 120 10.26 2.57 -2.18
N MET A 121 11.02 1.54 -1.79
CA MET A 121 11.22 0.38 -2.66
C MET A 121 9.90 -0.28 -3.03
N ASP A 122 9.01 -0.46 -2.05
CA ASP A 122 7.73 -1.09 -2.33
C ASP A 122 6.91 -0.25 -3.31
N TRP A 123 6.62 1.00 -2.94
CA TRP A 123 5.81 1.86 -3.81
C TRP A 123 6.46 2.10 -5.16
N ALA A 124 7.78 1.92 -5.27
CA ALA A 124 8.43 2.06 -6.56
C ALA A 124 8.18 0.83 -7.43
N LEU A 125 8.30 -0.36 -6.86
CA LEU A 125 8.03 -1.57 -7.61
C LEU A 125 6.54 -1.69 -7.95
N ARG A 126 5.67 -1.13 -7.11
CA ARG A 126 4.24 -1.25 -7.35
C ARG A 126 3.82 -0.39 -8.53
N LYS A 127 4.05 0.93 -8.44
CA LYS A 127 3.59 1.83 -9.49
C LYS A 127 4.19 1.54 -10.86
N THR A 128 5.36 0.89 -10.92
CA THR A 128 6.00 0.60 -12.20
C THR A 128 5.85 -0.84 -12.66
N ARG A 129 5.02 -1.63 -12.00
CA ARG A 129 4.85 -3.03 -12.38
C ARG A 129 3.39 -3.43 -12.51
N LYS A 130 2.46 -2.52 -12.19
CA LYS A 130 1.01 -2.64 -12.28
C LYS A 130 0.44 -3.51 -11.17
N ARG A 131 1.28 -4.11 -10.34
CA ARG A 131 0.84 -4.88 -9.17
C ARG A 131 0.78 -3.99 -7.92
N LEU A 132 0.04 -2.87 -8.00
CA LEU A 132 -0.05 -1.97 -6.84
C LEU A 132 -0.87 -2.54 -5.68
N GLU A 133 -1.35 -3.78 -5.80
CA GLU A 133 -2.09 -4.46 -4.74
C GLU A 133 -1.23 -5.44 -3.97
N GLU A 134 -0.33 -6.17 -4.65
CA GLU A 134 0.60 -7.11 -4.05
C GLU A 134 1.84 -6.36 -3.53
N PRO A 135 2.38 -6.74 -2.38
CA PRO A 135 3.53 -6.03 -1.84
C PRO A 135 4.75 -6.18 -2.75
N PHE A 136 5.50 -5.08 -2.90
CA PHE A 136 6.69 -5.03 -3.75
C PHE A 136 6.36 -5.35 -5.20
N GLY A 137 5.12 -5.12 -5.60
CA GLY A 137 4.70 -5.51 -6.94
C GLY A 137 4.84 -6.99 -7.20
N GLY A 138 4.78 -7.81 -6.16
CA GLY A 138 4.89 -9.25 -6.29
C GLY A 138 6.29 -9.77 -6.52
N VAL A 139 7.30 -8.92 -6.36
CA VAL A 139 8.69 -9.34 -6.48
C VAL A 139 9.11 -10.02 -5.19
N LYS A 140 9.76 -11.18 -5.32
CA LYS A 140 10.22 -11.93 -4.15
C LYS A 140 11.45 -11.24 -3.56
N VAL A 141 11.28 -10.63 -2.39
CA VAL A 141 12.35 -9.86 -1.74
C VAL A 141 13.13 -10.78 -0.80
N LEU A 142 14.45 -10.72 -0.89
CA LEU A 142 15.34 -11.55 -0.08
C LEU A 142 16.20 -10.64 0.79
N LEU A 143 15.73 -10.35 1.99
CA LEU A 143 16.47 -9.50 2.92
C LEU A 143 17.61 -10.28 3.54
N LEU A 144 18.68 -9.56 3.89
CA LEU A 144 19.94 -10.19 4.23
C LEU A 144 20.72 -9.30 5.18
N GLY A 145 21.45 -9.92 6.12
CA GLY A 145 22.28 -9.16 7.02
C GLY A 145 21.97 -9.40 8.49
N ASP A 146 22.98 -9.34 9.34
CA ASP A 146 22.79 -9.49 10.78
C ASP A 146 22.07 -8.25 11.29
N THR A 147 20.78 -8.40 11.57
CA THR A 147 19.93 -7.26 11.92
C THR A 147 20.46 -6.43 13.08
N ARG A 148 21.33 -7.00 13.92
CA ARG A 148 21.86 -6.26 15.06
C ARG A 148 22.83 -5.15 14.64
N GLN A 149 23.39 -5.25 13.43
CA GLN A 149 24.38 -4.30 12.92
C GLN A 149 23.65 -3.03 12.49
N LEU A 150 23.45 -2.15 13.47
CA LEU A 150 22.59 -0.96 13.41
C LEU A 150 23.44 0.27 13.74
N GLU A 151 22.86 1.48 13.80
CA GLU A 151 21.47 1.84 13.51
C GLU A 151 21.36 3.05 12.56
N PRO A 152 20.32 3.06 11.73
CA PRO A 152 20.13 4.16 10.77
C PRO A 152 20.11 5.52 11.42
N VAL A 153 20.96 6.41 10.91
CA VAL A 153 21.03 7.80 11.39
C VAL A 153 19.75 8.54 11.05
N VAL A 154 19.15 9.17 12.06
CA VAL A 154 17.99 10.03 11.85
C VAL A 154 18.35 11.46 12.28
N PRO A 155 18.41 12.41 11.33
CA PRO A 155 19.04 13.71 11.63
C PRO A 155 18.39 14.48 12.77
N GLY A 156 17.07 14.47 12.88
CA GLY A 156 16.38 15.23 13.92
C GLY A 156 15.55 16.35 13.33
N GLY A 157 14.89 17.06 14.24
CA GLY A 157 14.01 18.16 13.85
C GLY A 157 12.78 17.67 13.12
N GLU A 158 12.55 18.22 11.92
CA GLU A 158 11.38 17.83 11.14
C GLU A 158 11.46 16.39 10.69
N GLU A 159 12.63 15.97 10.18
CA GLU A 159 12.75 14.64 9.62
C GLU A 159 12.53 13.57 10.68
N ALA A 160 13.04 13.77 11.89
CA ALA A 160 12.80 12.82 12.97
C ALA A 160 11.31 12.78 13.34
N LEU A 161 10.66 13.95 13.34
CA LEU A 161 9.24 14.00 13.69
C LEU A 161 8.39 13.25 12.66
N TYR A 162 8.65 13.49 11.37
CA TYR A 162 7.87 12.81 10.33
C TYR A 162 8.01 11.30 10.44
N ILE A 163 9.22 10.81 10.71
CA ILE A 163 9.42 9.37 10.83
C ILE A 163 8.73 8.83 12.08
N ALA A 164 8.78 9.58 13.18
CA ALA A 164 8.10 9.16 14.40
C ALA A 164 6.59 9.11 14.23
N ARG A 165 6.05 9.97 13.38
CA ARG A 165 4.61 10.02 13.14
C ARG A 165 4.18 8.99 12.11
N THR A 166 4.90 8.89 10.99
CA THR A 166 4.46 7.99 9.93
C THR A 166 4.71 6.53 10.30
N TRP A 167 5.91 6.21 10.81
CA TRP A 167 6.28 4.83 11.11
C TRP A 167 6.49 4.56 12.59
N GLY A 168 6.91 5.55 13.38
CA GLY A 168 7.23 5.35 14.78
C GLY A 168 8.66 4.95 15.08
N GLY A 169 9.54 4.97 14.08
CA GLY A 169 10.93 4.62 14.26
C GLY A 169 11.62 4.43 12.92
N PRO A 170 12.95 4.34 12.92
CA PRO A 170 13.70 4.26 11.66
C PRO A 170 13.93 2.88 11.08
N PHE A 171 13.70 1.82 11.86
CA PHE A 171 14.09 0.48 11.44
C PHE A 171 13.20 -0.05 10.32
N PHE A 172 13.80 -0.93 9.50
CA PHE A 172 13.11 -1.44 8.31
C PHE A 172 11.86 -2.25 8.66
N PHE A 173 11.82 -2.90 9.83
CA PHE A 173 10.63 -3.67 10.18
C PHE A 173 9.41 -2.80 10.45
N GLN A 174 9.59 -1.55 10.82
CA GLN A 174 8.48 -0.65 11.13
C GLN A 174 7.76 -0.16 9.87
N ALA A 175 8.09 -0.71 8.71
CA ALA A 175 7.48 -0.31 7.44
C ALA A 175 6.14 -1.01 7.24
N HIS A 176 5.12 -0.22 6.92
CA HIS A 176 3.75 -0.71 6.79
C HIS A 176 3.58 -1.85 5.79
N VAL A 177 4.58 -2.11 4.93
CA VAL A 177 4.49 -3.22 3.99
C VAL A 177 4.32 -4.54 4.71
N TRP A 178 4.75 -4.64 5.97
CA TRP A 178 4.67 -5.88 6.73
C TRP A 178 3.29 -6.11 7.32
N GLU A 179 2.47 -5.07 7.46
CA GLU A 179 1.06 -5.26 7.72
C GLU A 179 0.32 -5.81 6.51
N GLU A 180 1.04 -6.10 5.42
CA GLU A 180 0.49 -6.65 4.20
C GLU A 180 1.01 -8.04 3.86
N VAL A 181 2.20 -8.43 4.33
CA VAL A 181 2.77 -9.73 4.00
C VAL A 181 3.63 -10.22 5.17
N ALA A 182 3.78 -11.55 5.25
CA ALA A 182 4.56 -12.22 6.29
C ALA A 182 6.03 -12.35 5.91
N LEU A 183 6.92 -12.05 6.85
CA LEU A 183 8.37 -12.12 6.63
C LEU A 183 8.93 -13.40 7.26
N ARG A 184 9.11 -14.43 6.43
CA ARG A 184 9.75 -15.68 6.86
C ARG A 184 11.23 -15.45 7.18
N VAL A 185 11.63 -15.62 8.45
CA VAL A 185 13.00 -15.38 8.89
C VAL A 185 13.74 -16.70 9.00
N HIS A 186 14.82 -16.84 8.22
CA HIS A 186 15.65 -18.04 8.17
C HIS A 186 16.87 -17.90 9.09
N ARG A 187 16.81 -18.52 10.26
CA ARG A 187 17.80 -18.29 11.31
C ARG A 187 19.17 -18.90 10.96
N LEU A 188 20.20 -18.33 11.59
CA LEU A 188 21.63 -18.59 11.46
C LEU A 188 22.26 -18.30 12.82
N TRP A 189 23.58 -18.12 12.85
CA TRP A 189 24.50 -18.03 14.01
C TRP A 189 24.88 -19.34 14.68
N GLU A 190 24.53 -20.50 14.13
CA GLU A 190 25.14 -21.74 14.60
C GLU A 190 26.42 -22.09 13.85
N SER A 191 27.05 -21.12 13.17
CA SER A 191 28.25 -21.43 12.39
C SER A 191 29.43 -21.88 13.24
N GLN A 192 29.44 -21.55 14.53
CA GLN A 192 30.37 -22.15 15.49
C GLN A 192 29.69 -22.05 16.86
N ARG A 193 29.13 -23.18 17.31
CA ARG A 193 28.26 -23.15 18.49
C ARG A 193 28.99 -22.71 19.75
N GLN A 194 30.05 -23.43 20.15
CA GLN A 194 30.71 -23.12 21.40
C GLN A 194 31.94 -22.23 21.24
N ARG A 195 32.37 -21.92 20.02
CA ARG A 195 33.19 -20.73 19.95
C ARG A 195 32.22 -19.56 19.85
N GLU A 196 31.31 -19.56 20.83
CA GLU A 196 30.47 -18.46 21.28
C GLU A 196 30.53 -18.29 22.79
N ASP A 197 31.00 -19.31 23.53
CA ASP A 197 31.06 -19.37 24.99
C ASP A 197 29.71 -19.05 25.63
N PRO A 198 28.73 -19.98 25.53
CA PRO A 198 27.33 -19.63 25.79
C PRO A 198 27.10 -18.83 27.07
N LEU A 199 28.04 -18.86 28.02
CA LEU A 199 27.95 -17.92 29.12
C LEU A 199 28.25 -16.49 28.67
N PHE A 200 29.21 -16.32 27.74
CA PHE A 200 29.40 -15.01 27.12
C PHE A 200 28.22 -14.64 26.24
N ALA A 201 27.61 -15.61 25.58
CA ALA A 201 26.42 -15.34 24.78
C ALA A 201 25.28 -14.83 25.67
N GLU A 202 25.04 -15.52 26.78
CA GLU A 202 24.01 -15.07 27.72
C GLU A 202 24.40 -13.75 28.38
N LEU A 203 25.69 -13.53 28.62
CA LEU A 203 26.14 -12.26 29.18
C LEU A 203 25.80 -11.11 28.24
N LEU A 204 25.96 -11.32 26.93
CA LEU A 204 25.60 -10.28 25.97
C LEU A 204 24.10 -10.04 25.95
N LYS A 205 23.30 -11.10 26.10
CA LYS A 205 21.85 -10.92 26.12
C LYS A 205 21.41 -10.14 27.35
N ARG A 206 22.03 -10.41 28.50
CA ARG A 206 21.75 -9.63 29.70
C ARG A 206 22.18 -8.18 29.53
N LEU A 207 23.35 -7.95 28.93
CA LEU A 207 23.84 -6.58 28.73
C LEU A 207 22.89 -5.79 27.84
N ARG A 208 22.37 -6.40 26.78
CA ARG A 208 21.46 -5.68 25.89
C ARG A 208 20.16 -5.33 26.60
N GLN A 209 19.67 -6.22 27.46
CA GLN A 209 18.46 -5.96 28.24
C GLN A 209 18.71 -5.03 29.42
N GLY A 210 19.89 -4.41 29.51
CA GLY A 210 20.16 -3.41 30.51
C GLY A 210 20.27 -3.91 31.92
N ASP A 211 20.82 -5.10 32.12
CA ASP A 211 21.03 -5.62 33.47
C ASP A 211 22.22 -4.91 34.11
N PRO A 212 22.09 -4.43 35.35
CA PRO A 212 23.26 -3.80 36.00
C PRO A 212 24.34 -4.78 36.40
N GLN A 213 23.95 -5.94 36.96
CA GLN A 213 24.95 -6.89 37.45
C GLN A 213 25.75 -7.49 36.32
N ALA A 214 25.15 -7.65 35.14
CA ALA A 214 25.90 -8.15 34.00
C ALA A 214 26.97 -7.15 33.58
N LEU A 215 26.62 -5.87 33.56
CA LEU A 215 27.60 -4.84 33.24
C LEU A 215 28.69 -4.77 34.30
N GLU A 216 28.32 -4.88 35.58
CA GLU A 216 29.33 -4.93 36.63
C GLU A 216 30.22 -6.17 36.50
N THR A 217 29.63 -7.31 36.14
CA THR A 217 30.41 -8.50 35.85
C THR A 217 31.32 -8.27 34.65
N LEU A 218 30.79 -7.66 33.59
CA LEU A 218 31.59 -7.35 32.41
C LEU A 218 32.76 -6.44 32.78
N ASN A 219 32.50 -5.37 33.54
CA ASN A 219 33.54 -4.39 33.83
C ASN A 219 34.54 -4.97 34.83
N ARG A 220 34.06 -5.57 35.92
CA ARG A 220 35.00 -6.32 36.74
C ARG A 220 35.18 -7.74 36.23
N ALA A 221 35.47 -7.90 34.94
CA ALA A 221 36.47 -8.84 34.44
C ALA A 221 37.39 -8.25 33.40
N ALA A 222 36.96 -7.18 32.70
CA ALA A 222 37.54 -6.80 31.42
C ALA A 222 38.33 -5.51 31.42
N VAL A 223 38.08 -4.60 32.37
CA VAL A 223 38.72 -3.29 32.29
C VAL A 223 40.18 -3.47 32.65
N ARG A 224 41.04 -3.38 31.64
CA ARG A 224 42.50 -3.46 31.82
C ARG A 224 43.11 -2.35 30.99
N PRO A 225 43.34 -1.19 31.59
CA PRO A 225 43.84 -0.03 30.82
C PRO A 225 45.07 -0.38 29.99
N ASP A 226 44.98 -0.09 28.70
CA ASP A 226 46.04 -0.34 27.73
C ASP A 226 46.55 -1.79 27.81
N GLY A 227 45.63 -2.71 27.53
CA GLY A 227 45.97 -4.11 27.39
C GLY A 227 46.00 -4.46 25.90
N GLY A 228 46.36 -3.47 25.09
CA GLY A 228 46.48 -3.61 23.66
C GLY A 228 47.90 -3.92 23.26
N GLU A 229 48.84 -3.54 24.13
CA GLU A 229 50.24 -3.89 23.93
C GLU A 229 50.45 -5.39 23.95
N GLU A 230 49.61 -6.12 24.69
CA GLU A 230 49.75 -7.56 24.84
C GLU A 230 49.80 -8.25 23.47
N PRO A 231 50.62 -9.31 23.34
CA PRO A 231 50.82 -9.92 22.02
C PRO A 231 49.54 -10.49 21.41
N GLY A 232 49.36 -10.21 20.11
CA GLY A 232 48.21 -10.67 19.35
C GLY A 232 46.95 -9.85 19.52
N THR A 233 47.02 -8.72 20.21
CA THR A 233 45.85 -7.88 20.45
C THR A 233 45.59 -6.96 19.27
N LEU A 234 44.33 -6.90 18.84
CA LEU A 234 43.85 -5.92 17.88
C LEU A 234 43.09 -4.83 18.62
N ILE A 235 43.46 -3.58 18.41
CA ILE A 235 42.91 -2.47 19.19
C ILE A 235 41.73 -1.88 18.40
N LEU A 236 40.52 -2.30 18.75
CA LEU A 236 39.33 -1.85 18.06
C LEU A 236 38.86 -0.51 18.60
N THR A 237 38.72 0.46 17.73
CA THR A 237 38.21 1.78 18.02
C THR A 237 36.88 2.02 17.33
N PRO A 238 35.95 2.73 17.98
CA PRO A 238 34.64 2.95 17.32
C PRO A 238 34.71 3.93 16.16
N ARG A 239 35.45 5.03 16.31
CA ARG A 239 35.62 6.02 15.25
C ARG A 239 36.92 5.77 14.50
N ARG A 240 36.85 5.79 13.17
CA ARG A 240 38.05 5.56 12.37
C ARG A 240 39.09 6.67 12.49
N LYS A 241 38.78 7.78 13.17
CA LYS A 241 39.75 8.86 13.31
C LYS A 241 40.89 8.46 14.23
N GLU A 242 40.56 7.82 15.37
CA GLU A 242 41.57 7.37 16.32
C GLU A 242 42.25 6.09 15.88
N ALA A 243 41.62 5.29 15.02
CA ALA A 243 42.27 4.09 14.49
C ALA A 243 43.40 4.45 13.53
N ASP A 244 43.19 5.46 12.68
CA ASP A 244 44.26 5.92 11.82
C ASP A 244 45.40 6.51 12.63
N ALA A 245 45.08 7.26 13.69
CA ALA A 245 46.11 7.84 14.55
C ALA A 245 46.91 6.76 15.24
N LEU A 246 46.24 5.68 15.68
CA LEU A 246 46.94 4.59 16.34
C LEU A 246 47.78 3.79 15.35
N ASN A 247 47.27 3.60 14.12
CA ASN A 247 48.06 2.93 13.10
C ASN A 247 49.29 3.76 12.71
N LEU A 248 49.13 5.08 12.57
CA LEU A 248 50.25 5.93 12.17
C LEU A 248 51.33 5.97 13.24
N LYS A 249 50.94 6.07 14.52
CA LYS A 249 51.93 6.13 15.59
C LYS A 249 52.82 4.89 15.60
N ARG A 250 52.26 3.73 15.28
CA ARG A 250 53.03 2.49 15.24
C ARG A 250 53.75 2.29 13.92
N LEU A 251 53.25 2.88 12.82
CA LEU A 251 53.95 2.81 11.55
C LEU A 251 55.19 3.69 11.55
N GLU A 252 55.15 4.83 12.23
CA GLU A 252 56.33 5.69 12.31
C GLU A 252 57.43 5.05 13.15
N ALA A 253 57.06 4.26 14.16
CA ALA A 253 58.05 3.58 14.99
C ALA A 253 58.94 2.66 14.18
N LEU A 254 58.40 2.03 13.14
CA LEU A 254 59.18 1.08 12.35
C LEU A 254 60.33 1.80 11.64
N PRO A 255 61.55 1.26 11.69
CA PRO A 255 62.68 1.96 11.07
C PRO A 255 62.73 1.84 9.56
N GLY A 256 62.10 0.83 8.98
CA GLY A 256 62.23 0.55 7.55
C GLY A 256 61.82 1.71 6.67
N LYS A 257 62.12 1.53 5.37
CA LYS A 257 61.85 2.56 4.37
C LYS A 257 60.42 2.40 3.85
N PRO A 258 59.59 3.45 3.94
CA PRO A 258 58.21 3.33 3.47
C PRO A 258 58.12 3.16 1.95
N LEU A 259 56.95 2.71 1.50
CA LEU A 259 56.70 2.48 0.09
C LEU A 259 55.23 2.73 -0.19
N GLU A 260 54.93 3.84 -0.87
CA GLU A 260 53.55 4.17 -1.22
C GLU A 260 53.02 3.20 -2.28
N TYR A 261 51.74 2.86 -2.15
CA TYR A 261 51.03 2.06 -3.15
C TYR A 261 49.90 2.92 -3.72
N GLN A 262 49.87 3.05 -5.03
CA GLN A 262 48.95 3.96 -5.70
C GLN A 262 47.85 3.18 -6.38
N ALA A 263 46.61 3.51 -6.04
CA ALA A 263 45.43 2.93 -6.67
C ALA A 263 45.30 3.40 -8.11
N GLN A 264 44.61 2.58 -8.91
CA GLN A 264 44.23 2.95 -10.27
C GLN A 264 42.70 3.02 -10.28
N VAL A 265 42.17 4.19 -9.96
CA VAL A 265 40.72 4.39 -9.86
C VAL A 265 40.23 4.70 -11.28
N LYS A 266 39.86 3.65 -12.00
CA LYS A 266 39.22 3.79 -13.30
C LYS A 266 37.73 4.07 -13.11
N GLY A 267 37.12 4.67 -14.12
CA GLY A 267 35.69 4.88 -14.18
C GLY A 267 35.07 5.56 -12.97
N GLU A 268 33.78 5.31 -12.75
CA GLU A 268 33.01 5.90 -11.66
C GLU A 268 33.26 5.15 -10.36
N PHE A 269 33.91 5.82 -9.40
CA PHE A 269 34.18 5.19 -8.11
C PHE A 269 34.29 6.28 -7.05
N ALA A 270 33.22 6.42 -6.24
CA ALA A 270 33.16 7.45 -5.21
C ALA A 270 34.38 7.38 -4.29
N GLU A 271 34.73 8.54 -3.71
CA GLU A 271 35.81 8.59 -2.73
C GLU A 271 35.45 7.81 -1.46
N THR A 272 34.21 7.96 -0.98
CA THR A 272 33.78 7.29 0.25
C THR A 272 33.70 5.78 0.10
N ASP A 273 33.55 5.28 -1.13
CA ASP A 273 33.45 3.86 -1.40
C ASP A 273 34.83 3.17 -1.48
N PHE A 274 35.91 3.87 -1.20
CA PHE A 274 37.24 3.28 -1.32
C PHE A 274 37.46 2.24 -0.23
N PRO A 275 37.61 0.96 -0.57
CA PRO A 275 37.82 -0.06 0.47
C PRO A 275 39.04 0.22 1.35
N THR A 276 40.13 0.66 0.75
CA THR A 276 41.34 0.97 1.49
C THR A 276 41.91 2.30 1.00
N GLU A 277 42.85 2.82 1.77
CA GLU A 277 43.56 4.04 1.43
C GLU A 277 44.21 3.93 0.05
N ALA A 278 43.84 4.84 -0.86
CA ALA A 278 44.40 4.91 -2.20
C ALA A 278 45.84 5.44 -2.20
N ALA A 279 46.37 5.78 -1.03
CA ALA A 279 47.69 6.36 -0.84
C ALA A 279 48.45 5.55 0.21
N LEU A 280 48.40 4.23 0.05
CA LEU A 280 48.71 3.27 1.12
C LEU A 280 50.21 3.15 1.31
N THR A 281 50.70 3.74 2.40
CA THR A 281 52.12 3.72 2.75
C THR A 281 52.41 2.55 3.68
N LEU A 282 53.37 1.70 3.29
CA LEU A 282 53.68 0.49 4.03
C LEU A 282 55.14 0.43 4.42
N LYS A 283 55.44 -0.41 5.42
CA LYS A 283 56.78 -0.63 5.92
C LYS A 283 56.94 -2.10 6.27
N LYS A 284 58.16 -2.61 6.14
CA LYS A 284 58.43 -3.99 6.54
C LYS A 284 58.28 -4.13 8.05
N GLY A 285 57.37 -5.00 8.48
CA GLY A 285 57.06 -5.21 9.88
C GLY A 285 55.72 -4.67 10.31
N ALA A 286 54.95 -4.09 9.39
CA ALA A 286 53.65 -3.51 9.69
C ALA A 286 52.59 -4.59 9.88
N GLN A 287 51.75 -4.41 10.89
CA GLN A 287 50.58 -5.26 11.09
C GLN A 287 49.50 -4.86 10.10
N VAL A 288 49.13 -5.77 9.19
CA VAL A 288 48.17 -5.51 8.15
C VAL A 288 47.11 -6.62 8.14
N ILE A 289 46.01 -6.38 7.41
CA ILE A 289 44.95 -7.36 7.29
C ILE A 289 44.46 -7.44 5.85
N LEU A 290 44.14 -8.65 5.40
CA LEU A 290 43.65 -8.93 4.07
C LEU A 290 42.20 -8.47 3.88
N LEU A 291 41.86 -8.12 2.63
CA LEU A 291 40.54 -7.63 2.29
C LEU A 291 39.91 -8.38 1.11
N ARG A 292 40.36 -9.61 0.81
CA ARG A 292 39.78 -10.35 -0.30
C ARG A 292 40.14 -11.83 -0.20
N ASN A 293 39.19 -12.69 -0.57
CA ASN A 293 39.41 -14.13 -0.62
C ASN A 293 40.30 -14.50 -1.79
N ASP A 294 41.36 -15.24 -1.52
CA ASP A 294 42.29 -15.65 -2.57
C ASP A 294 41.59 -16.59 -3.55
N PRO A 295 41.67 -16.33 -4.86
CA PRO A 295 41.04 -17.24 -5.83
C PRO A 295 41.62 -18.64 -5.78
N LEU A 296 42.90 -18.79 -5.44
CA LEU A 296 43.49 -20.13 -5.33
C LEU A 296 43.05 -20.80 -4.04
N GLY A 297 43.16 -20.10 -2.92
CA GLY A 297 42.67 -20.60 -1.65
C GLY A 297 43.64 -20.35 -0.50
N GLU A 298 44.81 -19.82 -0.82
CA GLU A 298 45.87 -19.67 0.17
C GLU A 298 45.44 -18.74 1.32
N TYR A 299 44.80 -17.61 1.01
CA TYR A 299 44.43 -16.64 2.02
C TYR A 299 42.95 -16.31 1.93
N PHE A 300 42.46 -15.63 2.97
CA PHE A 300 41.04 -15.32 3.12
C PHE A 300 40.85 -13.85 3.46
N ASN A 301 39.64 -13.36 3.18
CA ASN A 301 39.27 -11.97 3.46
C ASN A 301 39.20 -11.77 4.97
N GLY A 302 40.16 -11.05 5.53
CA GLY A 302 40.20 -10.80 6.94
C GLY A 302 41.28 -11.60 7.64
N ASP A 303 42.39 -11.82 6.94
CA ASP A 303 43.50 -12.63 7.44
C ASP A 303 44.59 -11.67 7.92
N LEU A 304 44.73 -11.53 9.23
CA LEU A 304 45.74 -10.66 9.81
C LEU A 304 47.14 -11.19 9.54
N GLY A 305 48.05 -10.29 9.17
CA GLY A 305 49.43 -10.67 8.90
C GLY A 305 50.45 -9.58 9.18
N TRP A 306 51.67 -9.74 8.68
CA TRP A 306 52.71 -8.74 8.83
C TRP A 306 53.48 -8.60 7.53
N VAL A 307 53.92 -7.37 7.25
CA VAL A 307 54.72 -7.11 6.05
C VAL A 307 56.10 -7.72 6.21
N GLU A 308 56.54 -8.46 5.20
CA GLU A 308 57.86 -9.07 5.17
C GLU A 308 58.77 -8.47 4.11
N ASP A 309 58.27 -8.34 2.88
CA ASP A 309 59.03 -7.76 1.78
C ASP A 309 58.11 -6.87 0.96
N LEU A 310 58.59 -5.66 0.66
CA LEU A 310 57.84 -4.66 -0.09
C LEU A 310 58.41 -4.56 -1.51
N GLU A 311 57.56 -4.76 -2.51
CA GLU A 311 57.95 -4.71 -3.91
C GLU A 311 56.88 -3.94 -4.68
N ALA A 312 57.32 -3.29 -5.77
CA ALA A 312 56.49 -2.35 -6.51
C ALA A 312 55.04 -2.80 -6.72
N GLU A 313 54.83 -4.04 -7.16
CA GLU A 313 53.48 -4.55 -7.38
C GLU A 313 53.32 -5.95 -6.79
N ALA A 314 53.91 -6.17 -5.62
CA ALA A 314 53.76 -7.41 -4.87
C ALA A 314 54.30 -7.17 -3.47
N LEU A 315 53.80 -7.95 -2.51
CA LEU A 315 54.31 -7.84 -1.15
C LEU A 315 54.14 -9.17 -0.45
N ALA A 316 55.03 -9.43 0.50
CA ALA A 316 55.06 -10.67 1.26
C ALA A 316 54.47 -10.42 2.65
N VAL A 317 53.55 -11.28 3.07
CA VAL A 317 52.89 -11.13 4.36
C VAL A 317 53.00 -12.46 5.10
N ARG A 318 53.54 -12.40 6.32
CA ARG A 318 53.50 -13.54 7.24
C ARG A 318 52.10 -13.65 7.80
N LEU A 319 51.35 -14.66 7.40
CA LEU A 319 50.00 -14.83 7.93
C LEU A 319 50.09 -15.28 9.39
N LYS A 320 49.35 -14.61 10.27
CA LYS A 320 49.30 -15.05 11.66
C LYS A 320 48.70 -16.45 11.78
N ARG A 321 47.65 -16.72 10.99
CA ARG A 321 46.95 -17.99 11.03
C ARG A 321 47.91 -19.19 10.98
N ASN A 322 48.71 -19.31 9.92
CA ASN A 322 49.69 -20.38 9.84
C ASN A 322 51.13 -19.86 9.81
N GLY A 323 51.45 -18.94 8.89
CA GLY A 323 52.72 -18.25 8.84
C GLY A 323 53.35 -18.24 7.45
N ARG A 324 53.89 -17.09 7.03
CA ARG A 324 54.88 -16.93 5.96
C ARG A 324 54.63 -17.81 4.74
N ARG A 325 53.44 -17.64 4.15
CA ARG A 325 53.14 -18.41 2.95
C ARG A 325 52.72 -17.64 1.69
N VAL A 326 51.97 -16.54 1.78
CA VAL A 326 51.38 -15.96 0.58
C VAL A 326 51.95 -14.57 0.31
N VAL A 327 52.19 -14.30 -0.98
CA VAL A 327 52.48 -12.96 -1.51
C VAL A 327 51.26 -12.50 -2.28
N ILE A 328 50.74 -11.34 -1.93
CA ILE A 328 49.51 -10.83 -2.52
C ILE A 328 49.85 -9.79 -3.59
N ARG A 329 49.07 -9.79 -4.66
CA ARG A 329 49.17 -8.91 -5.81
C ARG A 329 47.90 -8.08 -5.96
N PRO A 330 47.98 -6.87 -6.49
CA PRO A 330 46.82 -5.97 -6.51
C PRO A 330 45.55 -6.62 -7.04
N PHE A 331 44.44 -6.32 -6.38
CA PHE A 331 43.11 -6.78 -6.76
C PHE A 331 42.31 -5.62 -7.36
N VAL A 332 41.29 -5.95 -8.14
CA VAL A 332 40.48 -4.97 -8.85
C VAL A 332 39.05 -5.05 -8.35
N TRP A 333 38.57 -3.96 -7.74
CA TRP A 333 37.18 -3.80 -7.35
C TRP A 333 36.39 -3.17 -8.48
N GLU A 334 35.17 -3.69 -8.72
CA GLU A 334 34.29 -3.15 -9.73
C GLU A 334 33.09 -2.48 -9.08
N LYS A 335 32.72 -1.30 -9.57
CA LYS A 335 31.49 -0.63 -9.16
C LYS A 335 30.39 -1.02 -10.15
N ILE A 336 29.57 -2.01 -9.79
CA ILE A 336 28.60 -2.60 -10.70
C ILE A 336 27.26 -1.90 -10.57
N VAL A 337 26.58 -1.73 -11.71
CA VAL A 337 25.25 -1.15 -11.78
C VAL A 337 24.41 -2.01 -12.72
N TYR A 338 23.20 -2.35 -12.29
CA TYR A 338 22.32 -3.22 -13.07
C TYR A 338 21.58 -2.42 -14.14
N THR A 339 21.54 -2.98 -15.34
CA THR A 339 20.89 -2.32 -16.47
C THR A 339 20.22 -3.36 -17.36
N TYR A 340 19.35 -2.85 -18.22
CA TYR A 340 18.69 -3.69 -19.21
C TYR A 340 19.60 -3.88 -20.41
N ASP A 341 19.53 -5.07 -20.99
CA ASP A 341 20.13 -5.36 -22.29
C ASP A 341 19.13 -6.18 -23.07
N SER A 342 18.90 -5.82 -24.32
CA SER A 342 17.99 -6.62 -25.11
C SER A 342 18.75 -7.81 -25.65
N GLU A 343 19.40 -8.57 -24.73
CA GLU A 343 20.03 -9.81 -25.15
C GLU A 343 18.96 -10.82 -25.51
N ARG A 344 18.07 -11.18 -24.56
CA ARG A 344 16.74 -11.59 -24.96
C ARG A 344 15.65 -10.64 -24.50
N GLU A 345 15.47 -10.34 -23.19
CA GLU A 345 14.88 -9.07 -22.78
C GLU A 345 15.43 -8.47 -21.48
N CYS A 346 16.63 -8.78 -20.99
CA CYS A 346 16.65 -8.72 -19.52
C CYS A 346 18.03 -8.67 -18.89
N ILE A 347 17.99 -8.40 -17.58
CA ILE A 347 19.02 -7.76 -16.77
C ILE A 347 20.43 -8.29 -16.99
N LYS A 348 21.38 -7.36 -17.10
CA LYS A 348 22.82 -7.63 -17.20
C LYS A 348 23.57 -6.63 -16.30
N PRO A 349 24.45 -7.12 -15.38
CA PRO A 349 25.18 -6.29 -14.39
C PRO A 349 26.39 -5.53 -14.91
N GLN A 350 26.12 -4.38 -15.53
CA GLN A 350 27.15 -3.59 -16.20
C GLN A 350 28.14 -2.97 -15.22
N VAL A 351 29.43 -3.13 -15.50
CA VAL A 351 30.50 -2.50 -14.73
C VAL A 351 30.66 -1.04 -15.14
N VAL A 352 30.67 -0.15 -14.15
CA VAL A 352 30.75 1.29 -14.40
C VAL A 352 31.95 1.94 -13.72
N GLY A 353 32.72 1.22 -12.91
CA GLY A 353 33.83 1.84 -12.21
C GLY A 353 34.85 0.81 -11.78
N THR A 354 35.94 1.31 -11.19
CA THR A 354 37.02 0.42 -10.77
C THR A 354 37.86 1.09 -9.70
N PHE A 355 38.34 0.29 -8.75
CA PHE A 355 39.38 0.68 -7.79
C PHE A 355 40.39 -0.45 -7.75
N ARG A 356 41.60 -0.21 -8.28
CA ARG A 356 42.62 -1.24 -8.41
C ARG A 356 43.76 -0.94 -7.45
N GLN A 357 43.94 -1.80 -6.44
CA GLN A 357 45.09 -1.72 -5.55
C GLN A 357 45.20 -3.02 -4.77
N VAL A 358 46.30 -3.14 -4.02
CA VAL A 358 46.59 -4.30 -3.18
C VAL A 358 45.54 -4.40 -2.07
N PRO A 359 44.81 -5.52 -1.99
CA PRO A 359 43.78 -5.65 -0.95
C PRO A 359 44.37 -5.85 0.44
N VAL A 360 44.93 -4.79 1.02
CA VAL A 360 45.45 -4.85 2.39
C VAL A 360 45.31 -3.47 3.02
N ARG A 361 45.15 -3.44 4.34
CA ARG A 361 45.05 -2.20 5.10
C ARG A 361 45.80 -2.33 6.42
N LEU A 362 46.23 -1.19 6.97
CA LEU A 362 46.91 -1.15 8.25
C LEU A 362 46.00 -1.68 9.36
N ALA A 363 46.52 -2.62 10.15
CA ALA A 363 45.69 -3.33 11.13
C ALA A 363 46.38 -3.46 12.48
N TRP A 364 47.13 -2.44 12.91
CA TRP A 364 47.47 -2.38 14.34
C TRP A 364 46.23 -2.06 15.16
N ALA A 365 45.37 -1.20 14.61
CA ALA A 365 44.09 -0.84 15.17
C ALA A 365 43.06 -0.95 14.05
N LEU A 366 41.80 -1.08 14.43
CA LEU A 366 40.75 -1.18 13.42
C LEU A 366 39.46 -0.61 13.98
N THR A 367 38.54 -0.31 13.08
CA THR A 367 37.22 0.18 13.45
C THR A 367 36.24 -0.98 13.49
N VAL A 368 35.22 -0.85 14.34
CA VAL A 368 34.11 -1.80 14.33
C VAL A 368 33.42 -1.78 12.97
N HIS A 369 33.40 -0.60 12.33
CA HIS A 369 32.88 -0.46 10.98
C HIS A 369 33.47 -1.52 10.04
N LYS A 370 34.80 -1.62 10.00
CA LYS A 370 35.47 -2.57 9.10
C LYS A 370 35.62 -3.96 9.69
N ALA A 371 35.72 -4.09 11.02
CA ALA A 371 36.00 -5.35 11.71
C ALA A 371 34.79 -6.29 11.76
N GLN A 372 33.71 -5.94 11.04
CA GLN A 372 32.48 -6.71 11.09
C GLN A 372 32.69 -8.15 10.61
N GLY A 373 32.12 -9.09 11.35
CA GLY A 373 32.16 -10.50 10.97
C GLY A 373 33.52 -11.16 10.94
N LEU A 374 34.46 -10.72 11.78
CA LEU A 374 35.78 -11.32 11.85
C LEU A 374 35.94 -12.09 13.16
N THR A 375 36.37 -13.34 13.06
CA THR A 375 36.66 -14.21 14.21
C THR A 375 38.00 -13.80 14.80
N LEU A 376 37.95 -12.85 15.74
CA LEU A 376 39.14 -12.28 16.35
C LEU A 376 39.57 -13.08 17.59
N ASP A 377 40.87 -13.03 17.88
CA ASP A 377 41.44 -13.78 18.99
C ASP A 377 41.54 -12.96 20.28
N LYS A 378 42.05 -11.74 20.19
CA LYS A 378 42.20 -10.89 21.37
C LYS A 378 42.06 -9.43 20.95
N VAL A 379 41.09 -8.73 21.52
CA VAL A 379 40.83 -7.33 21.17
C VAL A 379 40.86 -6.47 22.43
N HIS A 380 41.03 -5.15 22.20
CA HIS A 380 41.09 -4.16 23.27
C HIS A 380 40.40 -2.89 22.79
N LEU A 381 39.22 -2.60 23.34
CA LEU A 381 38.45 -1.44 22.94
C LEU A 381 38.99 -0.15 23.58
N GLU A 382 38.93 0.95 22.82
CA GLU A 382 39.35 2.26 23.29
C GLU A 382 38.12 3.15 23.45
N LEU A 383 37.73 3.41 24.70
CA LEU A 383 36.53 4.18 24.97
C LEU A 383 36.71 5.65 24.56
N GLY A 384 35.63 6.26 24.07
CA GLY A 384 35.63 7.66 23.74
C GLY A 384 34.64 8.49 24.51
N ARG A 385 34.37 8.13 25.78
CA ARG A 385 33.76 9.08 26.74
C ARG A 385 32.34 9.50 26.36
N GLY A 386 31.47 8.57 25.95
CA GLY A 386 30.31 9.06 25.21
C GLY A 386 29.85 8.41 23.93
N LEU A 387 30.38 7.23 23.60
CA LEU A 387 29.90 6.50 22.43
C LEU A 387 28.49 5.94 22.61
N PHE A 388 27.81 6.21 23.73
CA PHE A 388 26.54 5.56 24.05
C PHE A 388 25.36 6.14 23.29
N ALA A 389 25.42 6.03 21.95
CA ALA A 389 24.32 6.50 21.11
C ALA A 389 23.27 5.39 21.02
N HIS A 390 22.64 5.12 22.17
CA HIS A 390 21.59 4.12 22.31
C HIS A 390 22.08 2.74 21.86
N GLY A 391 23.10 2.26 22.58
CA GLY A 391 23.59 0.91 22.40
C GLY A 391 24.46 0.66 21.18
N GLN A 392 25.16 1.67 20.68
CA GLN A 392 26.04 1.48 19.53
C GLN A 392 27.22 0.58 19.82
N LEU A 393 27.51 0.30 21.10
CA LEU A 393 28.70 -0.47 21.45
C LEU A 393 28.45 -1.97 21.58
N TYR A 394 27.19 -2.40 21.59
CA TYR A 394 26.89 -3.83 21.67
C TYR A 394 27.62 -4.61 20.56
N VAL A 395 27.62 -4.08 19.34
CA VAL A 395 28.28 -4.75 18.22
C VAL A 395 29.77 -4.92 18.49
N ALA A 396 30.36 -4.02 19.28
CA ALA A 396 31.79 -4.10 19.54
C ALA A 396 32.12 -5.30 20.44
N LEU A 397 31.25 -5.61 21.40
CA LEU A 397 31.50 -6.75 22.27
C LEU A 397 31.38 -8.07 21.52
N THR A 398 30.44 -8.16 20.57
CA THR A 398 30.23 -9.38 19.81
C THR A 398 31.45 -9.80 18.99
N ARG A 399 32.44 -8.93 18.83
CA ARG A 399 33.62 -9.22 18.03
C ARG A 399 34.48 -10.35 18.61
N VAL A 400 34.16 -10.87 19.79
CA VAL A 400 34.93 -11.94 20.42
C VAL A 400 34.00 -13.07 20.84
N ARG A 401 34.57 -14.27 20.93
CA ARG A 401 33.84 -15.47 21.34
C ARG A 401 33.79 -15.65 22.85
N ARG A 402 34.82 -15.21 23.58
CA ARG A 402 34.91 -15.41 25.01
C ARG A 402 35.29 -14.12 25.71
N LEU A 403 34.74 -13.91 26.91
CA LEU A 403 35.07 -12.73 27.72
C LEU A 403 36.56 -12.65 27.99
N GLN A 404 37.21 -13.79 28.25
CA GLN A 404 38.64 -13.83 28.53
C GLN A 404 39.49 -13.15 27.46
N ASP A 405 38.98 -13.06 26.23
CA ASP A 405 39.77 -12.47 25.14
C ASP A 405 39.66 -10.96 25.10
N LEU A 406 38.53 -10.41 25.52
CA LEU A 406 38.24 -8.99 25.39
C LEU A 406 38.78 -8.21 26.57
N SER A 407 39.47 -7.10 26.28
CA SER A 407 39.92 -6.14 27.27
C SER A 407 39.33 -4.78 26.94
N LEU A 408 39.16 -3.95 27.98
CA LEU A 408 38.62 -2.62 27.82
C LEU A 408 39.59 -1.60 28.41
N SER A 409 39.73 -0.46 27.74
CA SER A 409 40.55 0.61 28.29
C SER A 409 39.85 1.34 29.42
N ARG A 410 38.52 1.30 29.47
CA ARG A 410 37.72 2.10 30.41
C ARG A 410 36.39 1.40 30.64
N PRO A 411 35.83 1.50 31.84
CA PRO A 411 34.53 0.87 32.12
C PRO A 411 33.39 1.48 31.31
N ILE A 412 32.43 0.63 30.97
CA ILE A 412 31.32 0.95 30.07
C ILE A 412 30.10 1.33 30.89
N ALA A 413 29.47 2.45 30.50
CA ALA A 413 28.20 2.85 31.11
C ALA A 413 27.07 1.90 30.71
N PRO A 414 26.06 1.75 31.57
CA PRO A 414 24.92 0.87 31.22
C PRO A 414 24.24 1.24 29.91
N THR A 415 24.23 2.52 29.55
CA THR A 415 23.53 2.96 28.34
C THR A 415 24.24 2.50 27.07
N GLU A 416 25.59 2.43 27.09
CA GLU A 416 26.37 2.17 25.89
C GLU A 416 25.95 0.87 25.21
N LEU A 417 25.41 -0.09 25.97
CA LEU A 417 25.09 -1.40 25.46
C LEU A 417 23.58 -1.68 25.36
N LEU A 418 22.75 -0.83 25.97
CA LEU A 418 21.31 -1.09 26.03
C LEU A 418 20.68 -1.06 24.63
N TRP A 419 19.92 -2.10 24.32
CA TRP A 419 19.20 -2.18 23.05
C TRP A 419 17.99 -1.25 23.05
N ARG A 420 17.66 -0.75 21.87
CA ARG A 420 16.45 0.05 21.73
C ARG A 420 15.22 -0.83 21.96
N PRO A 421 14.16 -0.29 22.57
CA PRO A 421 12.96 -1.12 22.81
C PRO A 421 12.37 -1.72 21.55
N GLU A 422 12.33 -0.96 20.46
CA GLU A 422 11.85 -1.49 19.20
C GLU A 422 12.66 -2.71 18.77
N VAL A 423 13.98 -2.68 18.97
CA VAL A 423 14.84 -3.76 18.53
C VAL A 423 14.66 -4.98 19.42
N GLU A 424 14.61 -4.77 20.74
CA GLU A 424 14.48 -5.89 21.68
C GLU A 424 13.21 -6.70 21.41
N VAL A 425 12.11 -6.03 21.07
CA VAL A 425 10.87 -6.75 20.77
C VAL A 425 10.88 -7.34 19.37
N PHE A 426 11.70 -6.81 18.45
CA PHE A 426 11.77 -7.38 17.12
C PHE A 426 12.58 -8.67 17.11
N GLU A 427 13.76 -8.66 17.74
CA GLU A 427 14.61 -9.84 17.74
C GLU A 427 14.03 -10.99 18.55
N THR A 428 12.95 -10.79 19.28
CA THR A 428 12.27 -11.88 19.98
C THR A 428 11.11 -12.46 19.18
N ARG A 429 10.24 -11.61 18.62
CA ARG A 429 9.15 -12.13 17.81
C ARG A 429 9.65 -12.73 16.51
N ILE A 430 10.90 -12.46 16.11
CA ILE A 430 11.45 -13.18 14.97
C ILE A 430 11.77 -14.60 15.38
N GLN A 431 12.31 -14.81 16.58
CA GLN A 431 12.58 -16.19 16.96
C GLN A 431 11.26 -16.87 17.34
N GLU A 432 10.45 -17.07 16.31
CA GLU A 432 9.65 -18.25 16.06
C GLU A 432 9.81 -18.71 14.63
N GLY A 433 10.23 -17.82 13.73
CA GLY A 433 10.00 -17.93 12.31
C GLY A 433 9.47 -16.61 11.76
N ILE A 434 8.27 -16.67 11.18
CA ILE A 434 7.65 -15.52 10.52
C ILE A 434 7.50 -14.33 11.49
N TRP A 435 7.86 -13.14 11.00
CA TRP A 435 7.61 -11.88 11.68
C TRP A 435 6.57 -11.07 10.91
N GLN A 436 5.60 -10.50 11.64
CA GLN A 436 4.49 -9.78 11.03
C GLN A 436 4.08 -8.60 11.92
N LYS A 437 4.02 -7.41 11.31
CA LYS A 437 3.68 -6.19 12.05
C LYS A 437 2.20 -6.19 12.44
N SER A 438 1.94 -5.97 13.73
CA SER A 438 0.58 -5.93 14.25
C SER A 438 0.16 -4.49 14.54
N HIS A 439 -1.14 -4.24 14.40
CA HIS A 439 -1.75 -2.94 14.66
C HIS A 439 -1.00 -1.78 14.00
N GLY B 4 -5.94 12.12 -5.20
CA GLY B 4 -6.85 12.37 -6.31
C GLY B 4 -7.96 13.35 -5.96
N LEU B 5 -7.56 14.55 -5.55
CA LEU B 5 -8.49 15.60 -5.13
C LEU B 5 -8.44 16.74 -6.14
N SER B 6 -9.38 16.76 -7.09
CA SER B 6 -9.43 17.82 -8.08
C SER B 6 -10.02 19.11 -7.48
N SER B 7 -9.82 20.21 -8.22
CA SER B 7 -10.27 21.52 -7.73
C SER B 7 -11.77 21.57 -7.48
N GLU B 8 -12.56 20.90 -8.32
CA GLU B 8 -14.00 20.83 -8.09
C GLU B 8 -14.30 20.05 -6.80
N GLN B 9 -13.59 18.95 -6.60
CA GLN B 9 -13.79 18.11 -5.43
C GLN B 9 -13.33 18.83 -4.17
N GLN B 10 -12.18 19.50 -4.23
CA GLN B 10 -11.64 20.23 -3.09
C GLN B 10 -12.48 21.46 -2.74
N ARG B 11 -13.24 22.00 -3.70
CA ARG B 11 -14.12 23.13 -3.39
C ARG B 11 -15.24 22.70 -2.44
N ALA B 12 -15.77 21.50 -2.62
CA ALA B 12 -16.79 20.97 -1.70
C ALA B 12 -16.15 20.41 -0.43
N PHE B 13 -15.05 19.67 -0.58
CA PHE B 13 -14.42 18.99 0.55
C PHE B 13 -14.02 19.97 1.65
N LEU B 14 -13.39 21.08 1.27
CA LEU B 14 -12.91 22.02 2.29
C LEU B 14 -14.08 22.77 2.93
N ALA B 15 -15.16 22.99 2.18
CA ALA B 15 -16.31 23.71 2.73
C ALA B 15 -17.07 22.90 3.77
N VAL B 16 -17.06 21.57 3.66
CA VAL B 16 -17.86 20.74 4.56
C VAL B 16 -17.13 20.37 5.85
N THR B 17 -15.80 20.42 5.86
CA THR B 17 -15.04 20.10 7.07
C THR B 17 -15.09 21.23 8.10
N GLN B 18 -15.19 22.46 7.64
CA GLN B 18 -15.40 23.66 8.44
C GLN B 18 -16.90 23.87 8.60
N THR B 19 -17.27 25.07 9.04
CA THR B 19 -18.69 25.46 9.02
C THR B 19 -19.66 24.53 9.73
N PRO B 20 -19.65 24.53 11.10
CA PRO B 20 -20.12 23.40 11.93
C PRO B 20 -21.62 23.12 11.82
N HIS B 21 -22.31 23.89 10.99
CA HIS B 21 -23.72 23.62 10.73
C HIS B 21 -23.84 22.19 10.21
N PRO B 22 -24.73 21.39 10.76
CA PRO B 22 -24.72 19.95 10.45
C PRO B 22 -25.06 19.58 9.00
N ALA B 23 -26.14 20.12 8.47
CA ALA B 23 -26.67 19.66 7.18
C ALA B 23 -25.86 20.22 6.02
N HIS B 24 -25.45 19.33 5.10
CA HIS B 24 -24.69 19.72 3.92
C HIS B 24 -25.00 18.72 2.81
N LEU B 25 -25.86 19.13 1.87
CA LEU B 25 -26.15 18.33 0.68
C LEU B 25 -25.17 18.67 -0.44
N ILE B 26 -24.76 17.65 -1.20
CA ILE B 26 -23.85 17.82 -2.32
C ILE B 26 -24.45 17.14 -3.56
N THR B 27 -24.74 17.92 -4.60
CA THR B 27 -25.42 17.42 -5.79
C THR B 27 -24.45 16.72 -6.73
N GLY B 28 -24.84 15.53 -7.21
CA GLY B 28 -24.09 14.84 -8.23
C GLY B 28 -24.19 13.33 -8.15
N PRO B 29 -24.36 12.70 -9.32
CA PRO B 29 -24.41 11.23 -9.38
C PRO B 29 -23.02 10.61 -9.51
N ALA B 30 -22.94 9.35 -9.07
CA ALA B 30 -21.66 8.68 -8.95
C ALA B 30 -21.15 8.35 -10.35
N GLY B 31 -20.23 9.16 -10.83
CA GLY B 31 -19.66 9.00 -12.17
C GLY B 31 -18.16 8.85 -12.13
N THR B 32 -17.62 8.18 -11.12
CA THR B 32 -16.21 7.98 -10.78
C THR B 32 -15.51 9.28 -10.39
N GLY B 33 -16.23 10.38 -10.30
CA GLY B 33 -15.73 11.59 -9.66
C GLY B 33 -16.40 11.79 -8.32
N LYS B 34 -17.68 11.42 -8.26
CA LYS B 34 -18.40 11.45 -6.99
C LYS B 34 -18.04 10.29 -6.08
N THR B 35 -17.55 9.19 -6.64
CA THR B 35 -17.16 8.05 -5.81
C THR B 35 -15.87 8.33 -5.04
N THR B 36 -14.87 8.90 -5.73
CA THR B 36 -13.64 9.30 -5.06
C THR B 36 -13.91 10.35 -3.99
N LEU B 37 -14.92 11.20 -4.22
CA LEU B 37 -15.28 12.21 -3.23
C LEU B 37 -15.76 11.57 -1.94
N LEU B 38 -16.55 10.50 -2.04
CA LEU B 38 -16.98 9.80 -0.84
C LEU B 38 -15.80 9.12 -0.16
N TYR B 39 -14.97 8.42 -0.95
CA TYR B 39 -13.80 7.76 -0.38
C TYR B 39 -12.88 8.75 0.33
N ALA B 40 -12.68 9.94 -0.24
CA ALA B 40 -11.84 10.93 0.41
C ALA B 40 -12.49 11.47 1.68
N LEU B 41 -13.82 11.58 1.69
CA LEU B 41 -14.50 12.06 2.89
C LEU B 41 -14.50 11.01 3.99
N GLN B 42 -14.87 9.78 3.66
CA GLN B 42 -14.92 8.73 4.67
C GLN B 42 -13.54 8.41 5.23
N LYS B 43 -12.49 8.51 4.41
CA LYS B 43 -11.15 8.21 4.89
C LYS B 43 -10.57 9.35 5.74
N PHE B 44 -10.94 10.59 5.42
CA PHE B 44 -10.65 11.71 6.31
C PHE B 44 -11.40 11.56 7.62
N TYR B 45 -12.64 11.08 7.55
CA TYR B 45 -13.54 10.94 8.70
C TYR B 45 -13.67 9.49 9.16
N LYS B 46 -12.59 8.70 9.08
CA LYS B 46 -12.71 7.30 9.47
C LYS B 46 -12.80 7.13 10.97
N GLY B 47 -12.20 8.04 11.72
CA GLY B 47 -12.21 7.96 13.17
C GLY B 47 -13.56 7.76 13.81
N ARG B 48 -14.45 8.73 13.69
CA ARG B 48 -15.72 8.72 14.40
C ARG B 48 -16.89 9.10 13.48
N ALA B 49 -16.95 8.52 12.28
CA ALA B 49 -18.04 8.85 11.38
C ALA B 49 -18.41 7.64 10.54
N VAL B 50 -19.70 7.44 10.32
CA VAL B 50 -20.26 6.30 9.60
C VAL B 50 -20.88 6.76 8.30
N THR B 51 -20.73 5.95 7.25
CA THR B 51 -21.35 6.19 5.95
C THR B 51 -22.50 5.20 5.77
N LEU B 52 -23.71 5.71 5.57
CA LEU B 52 -24.90 4.88 5.53
C LEU B 52 -25.61 4.99 4.17
N ALA B 53 -26.49 4.02 3.90
CA ALA B 53 -27.15 3.89 2.60
C ALA B 53 -28.49 3.17 2.79
N PRO B 54 -29.50 3.51 1.98
CA PRO B 54 -30.83 2.89 2.20
C PRO B 54 -30.91 1.42 1.83
N THR B 55 -30.21 0.97 0.79
CA THR B 55 -30.29 -0.42 0.35
C THR B 55 -28.94 -1.11 0.47
N GLY B 56 -28.98 -2.45 0.46
CA GLY B 56 -27.75 -3.23 0.53
C GLY B 56 -26.83 -3.01 -0.66
N THR B 57 -27.41 -2.89 -1.86
CA THR B 57 -26.61 -2.63 -3.04
C THR B 57 -25.95 -1.25 -2.96
N ALA B 58 -26.70 -0.25 -2.51
CA ALA B 58 -26.14 1.08 -2.33
C ALA B 58 -25.05 1.07 -1.26
N ALA B 59 -25.27 0.31 -0.18
CA ALA B 59 -24.27 0.24 0.88
C ALA B 59 -22.99 -0.43 0.40
N LEU B 60 -23.12 -1.49 -0.40
CA LEU B 60 -21.95 -2.22 -0.86
C LEU B 60 -21.09 -1.34 -1.76
N GLN B 61 -21.69 -0.70 -2.76
CA GLN B 61 -20.95 0.15 -3.68
C GLN B 61 -20.43 1.42 -3.03
N ALA B 62 -20.86 1.73 -1.80
CA ALA B 62 -20.33 2.85 -1.04
C ALA B 62 -19.56 2.41 0.19
N ARG B 63 -19.33 1.11 0.35
CA ARG B 63 -18.57 0.51 1.46
C ARG B 63 -19.01 1.07 2.82
N GLY B 64 -20.28 0.83 3.13
CA GLY B 64 -20.85 1.23 4.38
C GLY B 64 -22.05 0.37 4.70
N GLN B 65 -22.85 0.83 5.67
CA GLN B 65 -23.88 -0.02 6.26
C GLN B 65 -25.27 0.48 5.93
N THR B 66 -26.19 -0.47 5.76
CA THR B 66 -27.60 -0.21 5.53
C THR B 66 -28.20 0.55 6.71
N VAL B 67 -28.79 1.71 6.44
CA VAL B 67 -29.56 2.43 7.45
C VAL B 67 -30.54 1.49 8.14
N HIS B 68 -31.22 0.64 7.37
CA HIS B 68 -32.19 -0.30 7.90
C HIS B 68 -31.55 -1.55 8.50
N SER B 69 -30.24 -1.55 8.71
CA SER B 69 -29.57 -2.56 9.53
C SER B 69 -28.62 -1.97 10.57
N PHE B 70 -28.14 -0.74 10.38
CA PHE B 70 -27.35 -0.08 11.41
C PHE B 70 -28.22 0.30 12.60
N PHE B 71 -29.29 1.04 12.32
CA PHE B 71 -30.29 1.42 13.32
C PHE B 71 -31.26 0.29 13.66
N ARG B 72 -31.13 -0.88 13.02
CA ARG B 72 -32.03 -2.01 13.24
C ARG B 72 -33.49 -1.65 12.99
N PHE B 73 -33.73 -0.66 12.12
CA PHE B 73 -35.09 -0.21 11.82
C PHE B 73 -35.88 -1.32 11.11
N PRO B 74 -37.16 -1.49 11.42
CA PRO B 74 -37.95 -2.54 10.77
C PRO B 74 -38.45 -2.10 9.39
N ALA B 75 -38.74 -3.11 8.56
CA ALA B 75 -39.11 -2.94 7.15
C ALA B 75 -40.59 -2.56 6.99
N ARG B 76 -40.96 -1.45 7.60
CA ARG B 76 -42.34 -0.97 7.56
C ARG B 76 -42.32 0.54 7.77
N LEU B 77 -43.42 1.18 7.37
CA LEU B 77 -43.55 2.63 7.51
C LEU B 77 -43.13 3.09 8.89
N LEU B 78 -42.12 3.97 8.93
CA LEU B 78 -41.57 4.49 10.18
C LEU B 78 -42.39 5.69 10.61
N ARG B 79 -43.38 5.44 11.46
CA ARG B 79 -44.26 6.49 11.95
C ARG B 79 -43.47 7.51 12.76
N TYR B 80 -43.77 8.80 12.53
CA TYR B 80 -43.03 9.91 13.10
C TYR B 80 -42.85 9.74 14.61
N ARG B 81 -41.59 9.64 15.03
CA ARG B 81 -41.18 9.63 16.44
C ARG B 81 -41.84 8.51 17.23
N HIS B 82 -42.43 7.54 16.53
CA HIS B 82 -43.19 6.45 17.13
C HIS B 82 -42.26 5.43 17.77
N PRO B 83 -42.40 5.12 19.06
CA PRO B 83 -41.48 4.16 19.69
C PRO B 83 -41.71 2.71 19.27
N GLU B 84 -42.91 2.35 18.80
CA GLU B 84 -43.11 1.00 18.27
C GLU B 84 -42.30 0.72 17.01
N ASP B 85 -41.80 1.77 16.34
CA ASP B 85 -40.92 1.64 15.19
C ASP B 85 -39.49 2.06 15.51
N ILE B 86 -39.31 3.24 16.08
CA ILE B 86 -38.00 3.78 16.44
C ILE B 86 -37.71 3.39 17.89
N ARG B 87 -36.87 2.38 18.09
CA ARG B 87 -36.51 1.92 19.43
C ARG B 87 -35.04 2.22 19.70
N PRO B 88 -34.72 3.18 20.57
CA PRO B 88 -33.32 3.48 20.87
C PRO B 88 -32.60 2.29 21.46
N PRO B 89 -31.35 2.07 21.07
CA PRO B 89 -30.55 0.96 21.62
C PRO B 89 -30.27 1.13 23.10
N GLY B 90 -30.54 0.08 23.88
CA GLY B 90 -30.45 0.13 25.32
C GLY B 90 -29.04 0.39 25.86
N PRO B 91 -28.92 0.47 27.20
CA PRO B 91 -27.74 1.10 27.82
C PRO B 91 -26.34 0.68 27.31
N HIS B 92 -26.01 -0.61 27.33
CA HIS B 92 -24.73 -1.09 26.82
C HIS B 92 -24.80 -1.60 25.39
N SER B 93 -25.91 -1.36 24.71
CA SER B 93 -26.15 -1.95 23.39
C SER B 93 -24.99 -1.68 22.44
N PRO B 94 -24.64 -2.64 21.57
CA PRO B 94 -23.54 -2.43 20.62
C PRO B 94 -23.73 -1.22 19.73
N LEU B 95 -24.94 -0.66 19.67
CA LEU B 95 -25.24 0.47 18.81
C LEU B 95 -25.17 1.80 19.54
N ARG B 96 -25.70 1.88 20.76
CA ARG B 96 -25.65 3.12 21.53
C ARG B 96 -24.22 3.63 21.67
N LYS B 97 -23.27 2.72 21.90
CA LYS B 97 -21.88 3.13 22.04
C LYS B 97 -21.39 3.83 20.78
N ALA B 98 -21.83 3.35 19.61
CA ALA B 98 -21.35 3.92 18.35
C ALA B 98 -21.96 5.28 18.08
N ILE B 99 -23.27 5.44 18.33
CA ILE B 99 -23.93 6.72 18.09
C ILE B 99 -23.41 7.79 19.05
N GLU B 100 -23.12 7.41 20.29
CA GLU B 100 -22.73 8.40 21.29
C GLU B 100 -21.37 9.03 20.97
N CYS B 101 -20.39 8.25 20.50
CA CYS B 101 -19.08 8.82 20.18
C CYS B 101 -18.95 9.17 18.70
N MET B 102 -20.05 9.47 18.01
CA MET B 102 -19.99 9.87 16.61
C MET B 102 -20.25 11.37 16.45
N GLU B 103 -19.63 11.96 15.44
CA GLU B 103 -19.74 13.39 15.18
C GLU B 103 -20.35 13.70 13.82
N VAL B 104 -20.00 12.93 12.79
CA VAL B 104 -20.49 13.18 11.43
C VAL B 104 -21.15 11.91 10.91
N LEU B 105 -22.30 12.07 10.26
CA LEU B 105 -22.99 10.99 9.57
C LEU B 105 -23.00 11.29 8.08
N ILE B 106 -22.69 10.30 7.26
CA ILE B 106 -22.68 10.45 5.80
C ILE B 106 -23.81 9.62 5.22
N LEU B 107 -24.48 10.16 4.18
CA LEU B 107 -25.55 9.45 3.49
C LEU B 107 -25.47 9.81 2.00
N ASP B 108 -24.82 8.95 1.21
CA ASP B 108 -24.64 9.25 -0.21
C ASP B 108 -25.96 9.16 -0.98
N GLU B 109 -26.60 7.98 -0.96
CA GLU B 109 -27.77 7.70 -1.79
C GLU B 109 -29.05 8.26 -1.16
N VAL B 110 -29.06 9.58 -0.99
CA VAL B 110 -30.15 10.24 -0.30
C VAL B 110 -31.45 10.12 -1.11
N GLY B 111 -31.36 10.19 -2.43
CA GLY B 111 -32.55 10.16 -3.27
C GLY B 111 -33.52 9.04 -2.94
N MET B 112 -33.00 7.85 -2.65
CA MET B 112 -33.84 6.69 -2.37
C MET B 112 -34.29 6.61 -0.92
N VAL B 113 -33.87 7.54 -0.07
CA VAL B 113 -34.25 7.54 1.34
C VAL B 113 -35.63 8.19 1.48
N ARG B 114 -36.61 7.40 1.89
CA ARG B 114 -37.96 7.91 2.10
C ARG B 114 -38.02 8.77 3.36
N VAL B 115 -38.82 9.83 3.29
CA VAL B 115 -38.93 10.84 4.35
C VAL B 115 -39.03 10.18 5.74
N ASP B 116 -39.93 9.19 5.87
CA ASP B 116 -40.11 8.51 7.16
C ASP B 116 -38.80 7.94 7.69
N LEU B 117 -37.90 7.55 6.80
CA LEU B 117 -36.63 6.94 7.18
C LEU B 117 -35.63 7.99 7.67
N LEU B 118 -35.64 9.18 7.05
CA LEU B 118 -34.79 10.26 7.54
C LEU B 118 -35.27 10.77 8.90
N GLU B 119 -36.59 10.89 9.08
CA GLU B 119 -37.15 11.30 10.37
C GLU B 119 -36.86 10.27 11.46
N ALA B 120 -36.77 9.00 11.09
CA ALA B 120 -36.40 7.96 12.06
C ALA B 120 -34.94 8.10 12.49
N MET B 121 -34.05 8.47 11.57
CA MET B 121 -32.65 8.65 11.92
C MET B 121 -32.48 9.71 12.99
N ASP B 122 -33.14 10.86 12.83
CA ASP B 122 -32.97 11.96 13.77
C ASP B 122 -33.52 11.62 15.15
N TRP B 123 -34.68 10.98 15.21
CA TRP B 123 -35.24 10.61 16.51
C TRP B 123 -34.49 9.44 17.11
N ALA B 124 -33.77 8.67 16.30
CA ALA B 124 -32.86 7.65 16.84
C ALA B 124 -31.59 8.28 17.39
N LEU B 125 -31.07 9.31 16.70
CA LEU B 125 -29.93 10.05 17.21
C LEU B 125 -30.31 10.97 18.35
N ARG B 126 -31.57 11.41 18.41
CA ARG B 126 -32.00 12.34 19.44
C ARG B 126 -32.31 11.64 20.77
N LYS B 127 -32.91 10.45 20.72
CA LYS B 127 -33.30 9.74 21.95
C LYS B 127 -32.17 8.91 22.54
N THR B 128 -31.19 8.49 21.73
CA THR B 128 -30.03 7.75 22.21
C THR B 128 -29.19 8.61 23.15
N ARG B 129 -29.59 9.87 23.31
CA ARG B 129 -28.86 10.86 24.09
C ARG B 129 -29.88 11.85 24.64
N LYS B 130 -29.45 12.62 25.64
CA LYS B 130 -30.29 13.70 26.16
C LYS B 130 -30.33 14.92 25.21
N ARG B 131 -29.76 14.71 24.02
CA ARG B 131 -29.49 15.74 23.02
C ARG B 131 -30.66 15.97 22.07
N LEU B 132 -31.89 15.63 22.49
CA LEU B 132 -33.08 15.57 21.66
C LEU B 132 -33.66 16.97 21.37
N GLU B 133 -32.90 18.01 21.68
CA GLU B 133 -33.24 19.39 21.35
C GLU B 133 -32.57 19.85 20.07
N GLU B 134 -31.33 19.43 19.84
CA GLU B 134 -30.61 19.77 18.62
C GLU B 134 -30.97 18.78 17.50
N PRO B 135 -31.04 19.26 16.26
CA PRO B 135 -31.35 18.36 15.14
C PRO B 135 -30.29 17.28 14.94
N PHE B 136 -30.77 16.05 14.68
CA PHE B 136 -29.94 14.87 14.51
C PHE B 136 -29.14 14.54 15.77
N GLY B 137 -29.51 15.12 16.91
CA GLY B 137 -28.69 14.98 18.08
C GLY B 137 -27.39 15.75 17.98
N GLY B 138 -27.34 16.77 17.11
CA GLY B 138 -26.14 17.54 16.88
C GLY B 138 -25.12 16.89 15.98
N VAL B 139 -25.45 15.77 15.34
CA VAL B 139 -24.53 15.10 14.43
C VAL B 139 -24.54 15.81 13.08
N LYS B 140 -23.35 16.11 12.56
CA LYS B 140 -23.20 16.79 11.26
C LYS B 140 -23.48 15.79 10.13
N VAL B 141 -24.61 15.96 9.44
CA VAL B 141 -25.03 15.06 8.37
C VAL B 141 -24.50 15.57 7.03
N LEU B 142 -23.91 14.65 6.25
CA LEU B 142 -23.33 14.97 4.93
C LEU B 142 -24.06 14.16 3.85
N LEU B 143 -24.91 14.81 3.07
CA LEU B 143 -25.59 14.13 1.98
C LEU B 143 -24.82 14.30 0.67
N LEU B 144 -24.88 13.28 -0.18
CA LEU B 144 -24.07 13.26 -1.41
C LEU B 144 -24.85 12.76 -2.63
N GLY B 145 -26.16 12.98 -2.68
CA GLY B 145 -26.96 12.44 -3.77
C GLY B 145 -27.03 13.38 -4.97
N ASP B 146 -27.72 12.91 -6.00
CA ASP B 146 -28.00 13.71 -7.20
C ASP B 146 -29.41 14.27 -7.11
N THR B 147 -29.58 15.50 -7.59
CA THR B 147 -30.84 16.23 -7.48
C THR B 147 -31.92 15.74 -8.45
N ARG B 148 -31.69 14.64 -9.17
CA ARG B 148 -32.68 14.06 -10.07
C ARG B 148 -32.93 12.59 -9.76
N GLN B 149 -32.37 12.08 -8.67
CA GLN B 149 -32.37 10.66 -8.34
C GLN B 149 -33.78 10.08 -8.22
N LEU B 150 -33.85 8.77 -8.48
CA LEU B 150 -35.07 7.96 -8.38
C LEU B 150 -35.78 8.14 -7.05
N GLU B 151 -37.10 7.94 -7.08
CA GLU B 151 -38.05 8.04 -5.99
C GLU B 151 -38.28 6.66 -5.35
N PRO B 152 -38.28 6.62 -4.02
CA PRO B 152 -38.52 5.36 -3.31
C PRO B 152 -39.97 4.90 -3.44
N VAL B 153 -40.17 3.59 -3.34
CA VAL B 153 -41.50 3.02 -3.44
C VAL B 153 -42.33 3.39 -2.21
N VAL B 154 -43.52 3.91 -2.45
CA VAL B 154 -44.51 4.25 -1.41
C VAL B 154 -45.62 3.21 -1.48
N PRO B 155 -45.81 2.39 -0.45
CA PRO B 155 -46.73 1.23 -0.59
C PRO B 155 -48.19 1.58 -0.27
N GLY B 156 -48.74 2.52 -1.03
CA GLY B 156 -50.18 2.68 -1.22
C GLY B 156 -51.04 2.81 0.02
N GLY B 157 -52.35 2.67 -0.17
CA GLY B 157 -53.25 2.29 0.91
C GLY B 157 -53.23 3.26 2.08
N GLU B 158 -53.11 2.66 3.28
CA GLU B 158 -52.95 3.43 4.51
C GLU B 158 -51.60 4.15 4.53
N GLU B 159 -50.53 3.43 4.17
CA GLU B 159 -49.18 3.97 4.30
C GLU B 159 -48.97 5.20 3.43
N ALA B 160 -49.50 5.19 2.21
CA ALA B 160 -49.40 6.38 1.35
C ALA B 160 -50.20 7.53 1.95
N LEU B 161 -51.35 7.23 2.55
CA LEU B 161 -52.16 8.25 3.19
C LEU B 161 -51.42 8.88 4.36
N TYR B 162 -50.83 8.04 5.23
CA TYR B 162 -50.09 8.56 6.38
C TYR B 162 -48.95 9.47 5.96
N ILE B 163 -48.23 9.11 4.89
CA ILE B 163 -47.13 9.94 4.42
C ILE B 163 -47.66 11.25 3.84
N ALA B 164 -48.79 11.19 3.11
CA ALA B 164 -49.37 12.39 2.54
C ALA B 164 -49.84 13.36 3.62
N ARG B 165 -50.28 12.84 4.77
CA ARG B 165 -50.76 13.65 5.88
C ARG B 165 -49.64 14.15 6.78
N THR B 166 -48.73 13.26 7.17
CA THR B 166 -47.68 13.63 8.12
C THR B 166 -46.65 14.55 7.46
N TRP B 167 -46.17 14.18 6.26
CA TRP B 167 -45.13 14.95 5.58
C TRP B 167 -45.59 15.62 4.30
N GLY B 168 -46.58 15.06 3.59
CA GLY B 168 -47.02 15.60 2.33
C GLY B 168 -46.30 15.06 1.11
N GLY B 169 -45.46 14.05 1.29
CA GLY B 169 -44.76 13.41 0.19
C GLY B 169 -43.65 12.52 0.72
N PRO B 170 -43.06 11.68 -0.16
CA PRO B 170 -42.06 10.72 0.30
C PRO B 170 -40.62 11.21 0.30
N PHE B 171 -40.33 12.36 -0.31
CA PHE B 171 -38.95 12.75 -0.55
C PHE B 171 -38.25 13.16 0.76
N PHE B 172 -36.92 13.03 0.75
CA PHE B 172 -36.12 13.47 1.89
C PHE B 172 -36.32 14.95 2.21
N PHE B 173 -36.68 15.76 1.22
CA PHE B 173 -36.81 17.20 1.39
C PHE B 173 -38.19 17.62 1.90
N GLN B 174 -38.93 16.67 2.51
CA GLN B 174 -40.18 17.00 3.18
C GLN B 174 -40.15 16.54 4.63
N ALA B 175 -38.95 16.31 5.19
CA ALA B 175 -38.80 16.00 6.60
C ALA B 175 -38.88 17.28 7.43
N HIS B 176 -39.60 17.20 8.55
CA HIS B 176 -39.78 18.33 9.46
C HIS B 176 -38.50 18.79 10.13
N VAL B 177 -37.42 18.00 10.06
CA VAL B 177 -36.18 18.39 10.72
C VAL B 177 -35.60 19.64 10.08
N TRP B 178 -35.72 19.77 8.77
CA TRP B 178 -35.07 20.85 8.03
C TRP B 178 -35.90 22.11 8.02
N GLU B 179 -36.84 22.20 8.96
CA GLU B 179 -37.30 23.50 9.43
C GLU B 179 -36.26 24.10 10.37
N GLU B 180 -35.71 23.28 11.27
CA GLU B 180 -34.63 23.73 12.14
C GLU B 180 -33.34 23.97 11.34
N VAL B 181 -32.82 22.95 10.66
CA VAL B 181 -31.55 23.09 9.94
C VAL B 181 -31.75 23.82 8.61
N ALA B 182 -30.66 24.38 8.09
CA ALA B 182 -30.67 25.19 6.86
C ALA B 182 -30.19 24.47 5.60
N LEU B 183 -29.68 23.22 5.70
CA LEU B 183 -29.36 22.38 4.53
C LEU B 183 -28.56 23.11 3.44
N ARG B 184 -27.35 23.55 3.80
CA ARG B 184 -26.49 24.25 2.83
C ARG B 184 -26.02 23.29 1.73
N VAL B 185 -26.35 23.61 0.49
CA VAL B 185 -26.20 22.71 -0.68
C VAL B 185 -24.97 23.11 -1.51
N HIS B 186 -24.04 22.16 -1.68
CA HIS B 186 -22.82 22.37 -2.48
C HIS B 186 -23.01 21.80 -3.89
N ARG B 187 -23.12 22.70 -4.88
CA ARG B 187 -23.41 22.38 -6.29
C ARG B 187 -22.15 21.98 -7.08
N LEU B 188 -21.74 20.72 -6.95
CA LEU B 188 -20.72 20.15 -7.82
C LEU B 188 -21.25 19.98 -9.25
N TRP B 189 -20.67 20.68 -10.23
CA TRP B 189 -21.23 20.58 -11.59
C TRP B 189 -20.30 19.97 -12.64
N GLU B 190 -19.06 20.46 -12.79
CA GLU B 190 -18.32 20.19 -14.02
C GLU B 190 -18.24 18.70 -14.32
N SER B 191 -18.80 18.31 -15.46
CA SER B 191 -18.88 16.90 -15.86
C SER B 191 -18.60 16.78 -17.35
N GLN B 192 -18.25 15.56 -17.78
CA GLN B 192 -18.15 15.20 -19.18
C GLN B 192 -19.43 14.56 -19.71
N ARG B 193 -20.58 14.88 -19.12
CA ARG B 193 -21.88 14.37 -19.56
C ARG B 193 -22.63 15.37 -20.42
N GLN B 194 -22.71 16.63 -20.00
CA GLN B 194 -23.27 17.69 -20.86
C GLN B 194 -22.12 18.48 -21.49
N ARG B 195 -21.62 17.93 -22.60
CA ARG B 195 -20.77 18.55 -23.60
C ARG B 195 -21.38 18.37 -24.98
N GLU B 196 -22.04 17.22 -25.17
CA GLU B 196 -22.40 16.77 -26.52
C GLU B 196 -23.55 17.57 -27.12
N ASP B 197 -24.58 17.85 -26.33
CA ASP B 197 -25.83 18.40 -26.88
C ASP B 197 -26.54 19.22 -25.82
N PRO B 198 -26.30 20.54 -25.79
CA PRO B 198 -27.12 21.42 -24.95
C PRO B 198 -28.59 21.42 -25.32
N LEU B 199 -28.93 20.99 -26.54
CA LEU B 199 -30.32 20.93 -26.95
C LEU B 199 -31.03 19.73 -26.33
N PHE B 200 -30.33 18.61 -26.21
CA PHE B 200 -30.90 17.47 -25.50
C PHE B 200 -31.08 17.77 -24.03
N ALA B 201 -30.16 18.54 -23.43
CA ALA B 201 -30.33 18.96 -22.04
C ALA B 201 -31.57 19.82 -21.88
N GLU B 202 -31.73 20.82 -22.74
CA GLU B 202 -32.93 21.67 -22.69
C GLU B 202 -34.19 20.87 -23.00
N LEU B 203 -34.09 19.90 -23.91
CA LEU B 203 -35.23 19.03 -24.21
C LEU B 203 -35.67 18.27 -22.97
N LEU B 204 -34.72 17.78 -22.18
CA LEU B 204 -35.07 17.05 -20.96
C LEU B 204 -35.73 17.97 -19.93
N LYS B 205 -35.30 19.24 -19.86
CA LYS B 205 -35.91 20.16 -18.90
C LYS B 205 -37.36 20.41 -19.26
N ARG B 206 -37.66 20.60 -20.54
CA ARG B 206 -39.04 20.73 -20.98
C ARG B 206 -39.81 19.44 -20.75
N LEU B 207 -39.25 18.29 -21.16
CA LEU B 207 -39.87 17.00 -20.89
C LEU B 207 -40.12 16.81 -19.39
N ARG B 208 -39.15 17.19 -18.56
CA ARG B 208 -39.30 16.99 -17.11
C ARG B 208 -40.50 17.76 -16.56
N GLN B 209 -40.67 19.01 -16.98
CA GLN B 209 -41.86 19.77 -16.62
C GLN B 209 -43.00 19.41 -17.59
N GLY B 210 -44.15 20.05 -17.41
CA GLY B 210 -45.31 19.80 -18.24
C GLY B 210 -44.98 19.80 -19.72
N ASP B 211 -45.18 18.65 -20.36
CA ASP B 211 -44.67 18.39 -21.71
C ASP B 211 -45.18 19.36 -22.77
N PRO B 212 -44.31 20.21 -23.28
CA PRO B 212 -44.59 20.92 -24.54
C PRO B 212 -44.44 19.97 -25.70
N GLN B 213 -44.54 20.49 -26.92
CA GLN B 213 -44.52 19.59 -28.08
C GLN B 213 -43.18 18.86 -28.14
N ALA B 214 -42.25 19.16 -27.23
CA ALA B 214 -41.07 18.34 -26.98
C ALA B 214 -41.36 16.84 -26.90
N LEU B 215 -42.47 16.46 -26.26
CA LEU B 215 -42.80 15.05 -26.17
C LEU B 215 -43.17 14.49 -27.55
N GLU B 216 -43.74 15.31 -28.42
CA GLU B 216 -43.91 14.90 -29.81
C GLU B 216 -42.59 14.97 -30.57
N THR B 217 -41.74 15.94 -30.25
CA THR B 217 -40.40 15.98 -30.81
C THR B 217 -39.58 14.78 -30.35
N LEU B 218 -39.65 14.45 -29.06
CA LEU B 218 -38.94 13.28 -28.54
C LEU B 218 -39.42 12.00 -29.22
N ASN B 219 -40.74 11.83 -29.34
CA ASN B 219 -41.26 10.59 -29.89
C ASN B 219 -41.02 10.53 -31.40
N ARG B 220 -41.34 11.62 -32.12
CA ARG B 220 -40.93 11.64 -33.52
C ARG B 220 -39.50 12.15 -33.66
N ALA B 221 -38.55 11.58 -32.91
CA ALA B 221 -37.24 11.22 -33.40
C ALA B 221 -36.79 9.83 -32.98
N ALA B 222 -37.36 9.27 -31.90
CA ALA B 222 -36.75 8.18 -31.16
C ALA B 222 -37.46 6.84 -31.26
N VAL B 223 -38.76 6.83 -31.56
CA VAL B 223 -39.50 5.57 -31.53
C VAL B 223 -39.08 4.73 -32.72
N ARG B 224 -38.38 3.63 -32.44
CA ARG B 224 -37.89 2.72 -33.49
C ARG B 224 -37.81 1.32 -32.91
N PRO B 225 -38.85 0.51 -33.09
CA PRO B 225 -38.75 -0.92 -32.73
C PRO B 225 -37.61 -1.62 -33.44
N ASP B 226 -37.14 -1.07 -34.56
CA ASP B 226 -35.94 -1.59 -35.21
C ASP B 226 -34.76 -1.58 -34.24
N GLY B 227 -34.56 -0.47 -33.54
CA GLY B 227 -33.45 -0.29 -32.61
C GLY B 227 -33.28 -1.40 -31.59
N GLY B 228 -32.05 -1.55 -31.09
CA GLY B 228 -31.71 -2.59 -30.13
C GLY B 228 -30.96 -3.74 -30.75
N GLU B 229 -31.34 -4.14 -31.96
CA GLU B 229 -30.48 -5.03 -32.75
C GLU B 229 -29.24 -4.30 -33.24
N GLU B 230 -29.37 -3.00 -33.52
CA GLU B 230 -28.30 -2.19 -34.08
C GLU B 230 -27.01 -2.34 -33.26
N PRO B 231 -25.84 -2.35 -33.92
CA PRO B 231 -24.59 -2.63 -33.22
C PRO B 231 -24.25 -1.60 -32.15
N GLY B 232 -23.78 -2.10 -31.00
CA GLY B 232 -23.38 -1.29 -29.87
C GLY B 232 -24.51 -0.84 -28.98
N THR B 233 -25.73 -1.29 -29.22
CA THR B 233 -26.90 -0.86 -28.48
C THR B 233 -27.02 -1.60 -27.15
N LEU B 234 -27.34 -0.85 -26.09
CA LEU B 234 -27.72 -1.43 -24.82
C LEU B 234 -29.23 -1.31 -24.67
N ILE B 235 -29.90 -2.43 -24.45
CA ILE B 235 -31.37 -2.49 -24.43
C ILE B 235 -31.83 -2.37 -22.97
N LEU B 236 -32.14 -1.15 -22.55
CA LEU B 236 -32.52 -0.91 -21.16
C LEU B 236 -34.00 -1.23 -20.95
N THR B 237 -34.29 -2.16 -20.02
CA THR B 237 -35.61 -2.63 -19.60
C THR B 237 -35.93 -2.14 -18.19
N PRO B 238 -37.19 -1.83 -17.87
CA PRO B 238 -37.50 -1.40 -16.49
C PRO B 238 -37.43 -2.53 -15.48
N ARG B 239 -37.95 -3.70 -15.80
CA ARG B 239 -37.97 -4.84 -14.89
C ARG B 239 -36.81 -5.78 -15.21
N ARG B 240 -36.09 -6.21 -14.16
CA ARG B 240 -34.96 -7.11 -14.36
C ARG B 240 -35.36 -8.49 -14.86
N LYS B 241 -36.66 -8.81 -14.89
CA LYS B 241 -37.09 -10.12 -15.38
C LYS B 241 -36.91 -10.25 -16.88
N GLU B 242 -37.25 -9.21 -17.64
CA GLU B 242 -37.14 -9.27 -19.09
C GLU B 242 -35.71 -9.07 -19.57
N ALA B 243 -34.88 -8.40 -18.77
CA ALA B 243 -33.46 -8.24 -19.12
C ALA B 243 -32.74 -9.58 -19.09
N ASP B 244 -32.96 -10.36 -18.03
CA ASP B 244 -32.35 -11.68 -17.94
C ASP B 244 -32.81 -12.56 -19.09
N ALA B 245 -34.09 -12.47 -19.46
CA ALA B 245 -34.59 -13.20 -20.62
C ALA B 245 -33.92 -12.73 -21.90
N LEU B 246 -33.69 -11.42 -22.02
CA LEU B 246 -33.02 -10.91 -23.22
C LEU B 246 -31.55 -11.31 -23.25
N ASN B 247 -30.88 -11.31 -22.09
CA ASN B 247 -29.50 -11.77 -22.03
C ASN B 247 -29.39 -13.25 -22.38
N LEU B 248 -30.27 -14.08 -21.82
CA LEU B 248 -30.20 -15.52 -22.07
C LEU B 248 -30.51 -15.84 -23.52
N LYS B 249 -31.51 -15.18 -24.11
CA LYS B 249 -31.87 -15.45 -25.49
C LYS B 249 -30.69 -15.25 -26.44
N ARG B 250 -29.86 -14.22 -26.19
CA ARG B 250 -28.71 -13.94 -27.02
C ARG B 250 -27.47 -14.74 -26.62
N LEU B 251 -27.38 -15.18 -25.38
CA LEU B 251 -26.26 -16.02 -24.96
C LEU B 251 -26.38 -17.43 -25.53
N GLU B 252 -27.60 -17.95 -25.65
CA GLU B 252 -27.79 -19.27 -26.26
C GLU B 252 -27.48 -19.22 -27.76
N ALA B 253 -27.76 -18.10 -28.42
CA ALA B 253 -27.48 -17.98 -29.85
C ALA B 253 -26.01 -18.24 -30.15
N LEU B 254 -25.12 -17.83 -29.25
CA LEU B 254 -23.68 -17.96 -29.49
C LEU B 254 -23.29 -19.43 -29.58
N PRO B 255 -22.50 -19.82 -30.59
CA PRO B 255 -22.13 -21.24 -30.73
C PRO B 255 -21.04 -21.70 -29.77
N GLY B 256 -20.23 -20.79 -29.25
CA GLY B 256 -19.10 -21.18 -28.41
C GLY B 256 -19.50 -21.99 -27.19
N LYS B 257 -18.46 -22.56 -26.53
CA LYS B 257 -18.61 -23.41 -25.35
C LYS B 257 -18.66 -22.57 -24.09
N PRO B 258 -19.70 -22.70 -23.27
CA PRO B 258 -19.80 -21.89 -22.05
C PRO B 258 -18.73 -22.23 -21.03
N LEU B 259 -18.56 -21.31 -20.08
CA LEU B 259 -17.57 -21.47 -19.00
C LEU B 259 -18.08 -20.78 -17.75
N GLU B 260 -18.50 -21.57 -16.77
CA GLU B 260 -19.00 -21.03 -15.50
C GLU B 260 -17.88 -20.38 -14.69
N TYR B 261 -18.21 -19.28 -14.02
CA TYR B 261 -17.32 -18.61 -13.08
C TYR B 261 -17.94 -18.65 -11.68
N GLN B 262 -17.19 -19.15 -10.71
CA GLN B 262 -17.73 -19.39 -9.37
C GLN B 262 -17.17 -18.36 -8.39
N ALA B 263 -18.07 -17.66 -7.72
CA ALA B 263 -17.72 -16.71 -6.66
C ALA B 263 -17.20 -17.41 -5.43
N GLN B 264 -16.36 -16.71 -4.66
CA GLN B 264 -15.85 -17.22 -3.40
C GLN B 264 -16.40 -16.35 -2.27
N VAL B 265 -17.57 -16.73 -1.77
CA VAL B 265 -18.29 -15.96 -0.74
C VAL B 265 -17.76 -16.41 0.62
N LYS B 266 -16.76 -15.69 1.12
CA LYS B 266 -16.24 -15.93 2.46
C LYS B 266 -16.79 -14.85 3.40
N GLY B 267 -17.51 -15.27 4.42
CA GLY B 267 -18.09 -14.35 5.39
C GLY B 267 -19.57 -14.11 5.15
N GLU B 268 -20.06 -13.07 5.85
CA GLU B 268 -21.47 -12.69 5.77
C GLU B 268 -21.73 -11.88 4.51
N PHE B 269 -22.51 -12.44 3.58
CA PHE B 269 -22.81 -11.73 2.34
C PHE B 269 -24.15 -12.20 1.81
N ALA B 270 -25.17 -11.34 1.95
CA ALA B 270 -26.52 -11.64 1.49
C ALA B 270 -26.53 -12.04 0.02
N GLU B 271 -27.52 -12.88 -0.34
CA GLU B 271 -27.70 -13.25 -1.74
C GLU B 271 -28.19 -12.07 -2.57
N THR B 272 -29.07 -11.24 -2.01
CA THR B 272 -29.59 -10.09 -2.74
C THR B 272 -28.53 -9.03 -2.99
N ASP B 273 -27.49 -8.99 -2.15
CA ASP B 273 -26.40 -8.02 -2.27
C ASP B 273 -25.32 -8.45 -3.25
N PHE B 274 -25.53 -9.53 -4.00
CA PHE B 274 -24.53 -9.98 -4.97
C PHE B 274 -24.45 -9.02 -6.14
N PRO B 275 -23.32 -8.32 -6.34
CA PRO B 275 -23.22 -7.41 -7.50
C PRO B 275 -23.50 -8.09 -8.82
N THR B 276 -22.99 -9.31 -9.01
CA THR B 276 -23.19 -10.06 -10.23
C THR B 276 -23.52 -11.51 -9.89
N GLU B 277 -24.01 -12.21 -10.89
CA GLU B 277 -24.37 -13.62 -10.77
C GLU B 277 -23.19 -14.45 -10.27
N ALA B 278 -23.38 -15.12 -9.14
CA ALA B 278 -22.37 -15.99 -8.56
C ALA B 278 -22.20 -17.30 -9.32
N ALA B 279 -22.98 -17.49 -10.38
CA ALA B 279 -22.99 -18.67 -11.25
C ALA B 279 -22.85 -18.24 -12.71
N LEU B 280 -21.91 -17.34 -12.95
CA LEU B 280 -21.84 -16.53 -14.16
C LEU B 280 -21.31 -17.34 -15.34
N THR B 281 -22.20 -17.72 -16.26
CA THR B 281 -21.85 -18.47 -17.45
C THR B 281 -21.57 -17.52 -18.61
N LEU B 282 -20.39 -17.66 -19.22
CA LEU B 282 -19.94 -16.78 -20.29
C LEU B 282 -19.62 -17.58 -21.55
N LYS B 283 -19.58 -16.86 -22.68
CA LYS B 283 -19.24 -17.42 -23.99
C LYS B 283 -18.43 -16.40 -24.77
N LYS B 284 -17.55 -16.87 -25.63
CA LYS B 284 -16.80 -15.96 -26.48
C LYS B 284 -17.75 -15.28 -27.46
N GLY B 285 -17.78 -13.95 -27.42
CA GLY B 285 -18.67 -13.13 -28.24
C GLY B 285 -19.79 -12.48 -27.45
N ALA B 286 -19.85 -12.71 -26.14
CA ALA B 286 -20.90 -12.16 -25.30
C ALA B 286 -20.71 -10.67 -25.04
N GLN B 287 -21.80 -9.92 -25.11
CA GLN B 287 -21.77 -8.51 -24.72
C GLN B 287 -21.79 -8.44 -23.19
N VAL B 288 -20.73 -7.89 -22.62
CA VAL B 288 -20.57 -7.79 -21.17
C VAL B 288 -20.21 -6.36 -20.80
N ILE B 289 -20.30 -6.05 -19.51
CA ILE B 289 -19.98 -4.72 -19.00
C ILE B 289 -19.17 -4.83 -17.71
N LEU B 290 -18.25 -3.89 -17.53
CA LEU B 290 -17.38 -3.83 -16.36
C LEU B 290 -18.13 -3.33 -15.13
N LEU B 291 -17.67 -3.76 -13.95
CA LEU B 291 -18.31 -3.39 -12.69
C LEU B 291 -17.30 -2.85 -11.68
N ARG B 292 -16.14 -2.37 -12.12
CA ARG B 292 -15.12 -1.89 -11.20
C ARG B 292 -14.08 -1.08 -11.96
N ASN B 293 -13.61 0.00 -11.33
CA ASN B 293 -12.54 0.80 -11.90
C ASN B 293 -11.21 0.05 -11.80
N ASP B 294 -10.53 -0.07 -12.93
CA ASP B 294 -9.25 -0.77 -12.98
C ASP B 294 -8.23 -0.05 -12.12
N PRO B 295 -7.52 -0.75 -11.22
CA PRO B 295 -6.50 -0.08 -10.41
C PRO B 295 -5.39 0.55 -11.24
N LEU B 296 -5.10 0.00 -12.42
CA LEU B 296 -4.12 0.61 -13.30
C LEU B 296 -4.69 1.83 -14.01
N GLY B 297 -5.85 1.66 -14.65
CA GLY B 297 -6.49 2.75 -15.35
C GLY B 297 -7.00 2.32 -16.73
N GLU B 298 -6.70 1.08 -17.11
CA GLU B 298 -7.07 0.60 -18.44
C GLU B 298 -8.58 0.62 -18.67
N TYR B 299 -9.36 0.18 -17.68
CA TYR B 299 -10.80 0.13 -17.83
C TYR B 299 -11.48 0.81 -16.64
N PHE B 300 -12.78 1.06 -16.80
CA PHE B 300 -13.57 1.83 -15.86
C PHE B 300 -14.85 1.07 -15.52
N ASN B 301 -15.44 1.43 -14.37
CA ASN B 301 -16.68 0.83 -13.90
C ASN B 301 -17.82 1.26 -14.82
N GLY B 302 -18.29 0.32 -15.65
CA GLY B 302 -19.35 0.59 -16.59
C GLY B 302 -18.86 0.67 -18.03
N ASP B 303 -17.83 -0.11 -18.35
CA ASP B 303 -17.23 -0.09 -19.68
C ASP B 303 -17.75 -1.29 -20.45
N LEU B 304 -18.66 -1.02 -21.40
CA LEU B 304 -19.23 -2.09 -22.23
C LEU B 304 -18.17 -2.69 -23.14
N GLY B 305 -18.15 -4.03 -23.23
CA GLY B 305 -17.21 -4.74 -24.05
C GLY B 305 -17.73 -6.08 -24.56
N TRP B 306 -16.83 -6.93 -25.06
CA TRP B 306 -17.21 -8.23 -25.60
C TRP B 306 -16.20 -9.27 -25.15
N VAL B 307 -16.67 -10.49 -24.92
CA VAL B 307 -15.78 -11.58 -24.54
C VAL B 307 -14.96 -12.01 -25.76
N GLU B 308 -13.64 -12.12 -25.57
CA GLU B 308 -12.74 -12.57 -26.61
C GLU B 308 -12.11 -13.92 -26.28
N ASP B 309 -11.58 -14.07 -25.07
CA ASP B 309 -10.98 -15.33 -24.64
C ASP B 309 -11.38 -15.62 -23.20
N LEU B 310 -11.80 -16.86 -22.97
CA LEU B 310 -12.25 -17.31 -21.66
C LEU B 310 -11.18 -18.19 -21.03
N GLU B 311 -10.76 -17.84 -19.83
CA GLU B 311 -9.75 -18.57 -19.07
C GLU B 311 -10.25 -18.77 -17.65
N ALA B 312 -9.78 -19.86 -17.03
CA ALA B 312 -10.22 -20.26 -15.69
C ALA B 312 -10.39 -19.10 -14.72
N GLU B 313 -9.38 -18.23 -14.62
CA GLU B 313 -9.42 -17.09 -13.70
C GLU B 313 -8.95 -15.81 -14.39
N ALA B 314 -9.31 -15.64 -15.66
CA ALA B 314 -8.99 -14.45 -16.43
C ALA B 314 -9.84 -14.49 -17.70
N LEU B 315 -10.08 -13.31 -18.26
CA LEU B 315 -10.83 -13.23 -19.50
C LEU B 315 -10.42 -11.99 -20.27
N ALA B 316 -10.53 -12.05 -21.59
CA ALA B 316 -10.16 -10.96 -22.47
C ALA B 316 -11.43 -10.29 -23.00
N VAL B 317 -11.48 -8.96 -22.91
CA VAL B 317 -12.63 -8.18 -23.36
C VAL B 317 -12.15 -7.07 -24.28
N ARG B 318 -12.61 -7.07 -25.52
CA ARG B 318 -12.37 -5.97 -26.45
C ARG B 318 -13.32 -4.84 -26.11
N LEU B 319 -12.83 -3.83 -25.41
CA LEU B 319 -13.65 -2.69 -25.01
C LEU B 319 -14.25 -1.99 -26.22
N LYS B 320 -15.54 -1.70 -26.15
CA LYS B 320 -16.15 -0.88 -27.19
C LYS B 320 -15.53 0.50 -27.23
N ARG B 321 -15.28 1.08 -26.05
CA ARG B 321 -14.71 2.42 -25.93
C ARG B 321 -13.50 2.62 -26.84
N ASN B 322 -12.47 1.77 -26.71
CA ASN B 322 -11.25 1.98 -27.47
C ASN B 322 -10.66 0.70 -28.06
N GLY B 323 -11.47 -0.32 -28.31
CA GLY B 323 -11.00 -1.55 -28.94
C GLY B 323 -9.83 -2.27 -28.27
N ARG B 324 -9.47 -1.87 -27.06
CA ARG B 324 -8.36 -2.49 -26.34
C ARG B 324 -8.75 -3.87 -25.80
N ARG B 325 -7.84 -4.84 -25.94
CA ARG B 325 -8.05 -6.20 -25.45
C ARG B 325 -7.51 -6.35 -24.02
N VAL B 326 -8.20 -5.70 -23.08
CA VAL B 326 -7.81 -5.76 -21.67
C VAL B 326 -8.23 -7.09 -21.04
N VAL B 327 -7.50 -7.49 -20.00
CA VAL B 327 -7.77 -8.71 -19.24
C VAL B 327 -8.35 -8.35 -17.88
N ILE B 328 -9.35 -9.10 -17.43
CA ILE B 328 -9.97 -8.90 -16.13
C ILE B 328 -9.73 -10.13 -15.27
N ARG B 329 -9.19 -9.92 -14.06
CA ARG B 329 -9.02 -10.90 -13.01
C ARG B 329 -9.97 -10.62 -11.85
N PRO B 330 -10.42 -11.66 -11.13
CA PRO B 330 -11.45 -11.48 -10.10
C PRO B 330 -11.13 -10.38 -9.08
N PHE B 331 -12.19 -9.69 -8.66
CA PHE B 331 -12.19 -8.66 -7.63
C PHE B 331 -12.97 -9.12 -6.40
N VAL B 332 -12.54 -8.66 -5.22
CA VAL B 332 -13.14 -9.07 -3.96
C VAL B 332 -13.90 -7.89 -3.34
N TRP B 333 -15.22 -8.04 -3.19
CA TRP B 333 -16.11 -7.07 -2.54
C TRP B 333 -16.16 -7.31 -1.03
N GLU B 334 -16.14 -6.23 -0.26
CA GLU B 334 -16.23 -6.30 1.21
C GLU B 334 -17.58 -5.78 1.69
N LYS B 335 -18.21 -6.51 2.61
CA LYS B 335 -19.43 -6.08 3.30
C LYS B 335 -19.07 -5.39 4.61
N ILE B 336 -19.19 -4.06 4.64
CA ILE B 336 -18.79 -3.25 5.80
C ILE B 336 -19.93 -3.19 6.82
N VAL B 337 -19.57 -3.29 8.10
CA VAL B 337 -20.49 -3.00 9.21
C VAL B 337 -19.74 -2.22 10.28
N TYR B 338 -20.32 -1.09 10.70
CA TYR B 338 -19.70 -0.22 11.71
C TYR B 338 -20.01 -0.73 13.11
N THR B 339 -18.97 -1.00 13.91
CA THR B 339 -19.13 -1.58 15.24
C THR B 339 -18.26 -0.84 16.25
N TYR B 340 -18.41 -1.21 17.53
CA TYR B 340 -17.54 -0.72 18.59
C TYR B 340 -16.14 -1.32 18.45
N ASP B 341 -15.23 -0.89 19.35
CA ASP B 341 -13.93 -1.53 19.49
C ASP B 341 -13.61 -1.68 20.98
N SER B 342 -12.88 -2.75 21.31
CA SER B 342 -12.58 -3.08 22.70
C SER B 342 -11.83 -1.97 23.43
N GLU B 343 -11.35 -0.95 22.72
CA GLU B 343 -10.86 0.28 23.35
C GLU B 343 -12.00 1.05 24.01
N ARG B 344 -13.19 1.00 23.41
CA ARG B 344 -14.40 1.83 23.59
C ARG B 344 -14.34 3.20 22.93
N GLU B 345 -13.26 3.58 22.27
CA GLU B 345 -13.29 4.74 21.35
C GLU B 345 -13.64 4.25 19.94
N CYS B 346 -14.89 4.47 19.53
CA CYS B 346 -15.38 4.17 18.18
C CYS B 346 -14.62 5.03 17.15
N ILE B 347 -14.77 4.76 15.83
CA ILE B 347 -15.84 4.04 15.11
C ILE B 347 -15.56 2.63 14.54
N LYS B 348 -14.33 2.37 14.03
CA LYS B 348 -13.90 1.03 13.61
C LYS B 348 -14.79 0.27 12.61
N PRO B 349 -14.83 0.67 11.32
CA PRO B 349 -15.77 0.05 10.33
C PRO B 349 -15.34 -1.36 9.89
N GLN B 350 -15.69 -2.32 10.77
CA GLN B 350 -15.24 -3.70 10.68
C GLN B 350 -15.82 -4.44 9.47
N VAL B 351 -14.94 -5.11 8.73
CA VAL B 351 -15.31 -5.93 7.57
C VAL B 351 -15.84 -7.27 8.06
N VAL B 352 -17.03 -7.65 7.58
CA VAL B 352 -17.71 -8.85 8.04
C VAL B 352 -18.03 -9.82 6.91
N GLY B 353 -17.73 -9.49 5.66
CA GLY B 353 -18.06 -10.35 4.54
C GLY B 353 -17.15 -10.12 3.34
N THR B 354 -17.22 -11.05 2.38
CA THR B 354 -16.37 -10.96 1.20
C THR B 354 -16.99 -11.74 0.04
N PHE B 355 -17.21 -11.06 -1.08
CA PHE B 355 -17.68 -11.64 -2.35
C PHE B 355 -16.61 -11.43 -3.42
N ARG B 356 -15.85 -12.47 -3.76
CA ARG B 356 -14.80 -12.37 -4.76
C ARG B 356 -15.20 -13.09 -6.04
N GLN B 357 -15.36 -12.32 -7.12
CA GLN B 357 -15.54 -12.89 -8.45
C GLN B 357 -15.18 -11.84 -9.49
N VAL B 358 -15.16 -12.27 -10.75
CA VAL B 358 -14.76 -11.42 -11.88
C VAL B 358 -15.77 -10.29 -12.04
N PRO B 359 -15.33 -9.02 -11.96
CA PRO B 359 -16.29 -7.91 -12.03
C PRO B 359 -16.84 -7.69 -13.43
N VAL B 360 -17.70 -8.59 -13.90
CA VAL B 360 -18.33 -8.45 -15.20
C VAL B 360 -19.70 -9.11 -15.13
N ARG B 361 -20.63 -8.60 -15.94
CA ARG B 361 -21.97 -9.16 -16.03
C ARG B 361 -22.43 -9.12 -17.48
N LEU B 362 -23.36 -10.02 -17.81
CA LEU B 362 -23.99 -10.01 -19.12
C LEU B 362 -24.68 -8.67 -19.35
N ALA B 363 -24.40 -8.05 -20.50
CA ALA B 363 -24.84 -6.68 -20.77
C ALA B 363 -25.43 -6.54 -22.16
N TRP B 364 -26.20 -7.54 -22.60
CA TRP B 364 -27.10 -7.30 -23.72
C TRP B 364 -28.28 -6.44 -23.27
N ALA B 365 -28.78 -6.64 -22.04
CA ALA B 365 -30.00 -5.95 -21.59
C ALA B 365 -29.80 -4.94 -20.46
N LEU B 366 -29.21 -5.33 -19.31
CA LEU B 366 -28.62 -4.35 -18.38
C LEU B 366 -29.60 -3.28 -17.88
N THR B 367 -30.60 -3.70 -17.09
CA THR B 367 -31.79 -2.88 -16.90
C THR B 367 -31.51 -1.59 -16.11
N VAL B 368 -32.48 -0.68 -16.20
CA VAL B 368 -32.37 0.67 -15.64
C VAL B 368 -32.33 0.60 -14.13
N HIS B 369 -31.63 1.57 -13.53
CA HIS B 369 -31.32 1.78 -12.12
C HIS B 369 -30.26 0.79 -11.65
N LYS B 370 -29.83 -0.15 -12.49
CA LYS B 370 -28.52 -0.76 -12.38
C LYS B 370 -27.64 -0.32 -13.54
N ALA B 371 -27.87 0.92 -14.01
CA ALA B 371 -27.07 1.54 -15.06
C ALA B 371 -26.77 3.01 -14.74
N GLN B 372 -26.91 3.42 -13.48
CA GLN B 372 -26.73 4.81 -13.10
C GLN B 372 -25.32 5.29 -13.41
N GLY B 373 -25.19 6.60 -13.65
CA GLY B 373 -23.90 7.24 -13.87
C GLY B 373 -23.02 6.63 -14.94
N LEU B 374 -23.64 6.02 -15.94
CA LEU B 374 -22.92 5.38 -17.05
C LEU B 374 -23.11 6.21 -18.31
N THR B 375 -22.00 6.70 -18.87
CA THR B 375 -22.03 7.47 -20.12
C THR B 375 -22.14 6.48 -21.28
N LEU B 376 -23.38 6.10 -21.58
CA LEU B 376 -23.66 5.09 -22.59
C LEU B 376 -23.57 5.69 -24.00
N ASP B 377 -23.30 4.82 -24.96
CA ASP B 377 -23.11 5.23 -26.36
C ASP B 377 -24.40 5.15 -27.18
N LYS B 378 -25.12 4.04 -27.07
CA LYS B 378 -26.36 3.86 -27.82
C LYS B 378 -27.30 2.98 -27.01
N VAL B 379 -28.49 3.49 -26.67
CA VAL B 379 -29.43 2.74 -25.87
C VAL B 379 -30.77 2.65 -26.59
N HIS B 380 -31.57 1.68 -26.16
CA HIS B 380 -32.89 1.43 -26.73
C HIS B 380 -33.79 0.97 -25.60
N LEU B 381 -34.73 1.81 -25.19
CA LEU B 381 -35.57 1.51 -24.03
C LEU B 381 -36.60 0.45 -24.42
N GLU B 382 -36.61 -0.66 -23.69
CA GLU B 382 -37.56 -1.75 -23.91
C GLU B 382 -38.71 -1.59 -22.92
N LEU B 383 -39.78 -0.95 -23.36
CA LEU B 383 -40.90 -0.61 -22.50
C LEU B 383 -42.04 -1.63 -22.57
N GLY B 384 -42.25 -2.25 -23.73
CA GLY B 384 -43.25 -3.28 -23.90
C GLY B 384 -44.68 -2.78 -23.93
N ARG B 385 -45.46 -3.10 -22.89
CA ARG B 385 -46.87 -2.72 -22.89
C ARG B 385 -47.22 -1.55 -21.97
N GLY B 386 -46.39 -1.22 -20.99
CA GLY B 386 -46.75 -0.12 -20.11
C GLY B 386 -45.82 0.23 -18.98
N LEU B 387 -45.79 1.53 -18.63
CA LEU B 387 -44.95 2.08 -17.58
C LEU B 387 -45.77 2.95 -16.64
N PHE B 388 -45.46 2.87 -15.35
CA PHE B 388 -46.25 3.50 -14.30
C PHE B 388 -46.14 5.02 -14.35
N ALA B 389 -47.31 5.67 -14.34
CA ALA B 389 -47.48 7.09 -14.66
C ALA B 389 -47.02 7.96 -13.49
N HIS B 390 -45.74 8.24 -13.45
CA HIS B 390 -45.16 9.21 -12.52
C HIS B 390 -43.94 9.83 -13.21
N GLY B 391 -43.13 10.54 -12.41
CA GLY B 391 -41.94 11.16 -12.95
C GLY B 391 -40.90 10.16 -13.44
N GLN B 392 -40.94 8.93 -12.90
CA GLN B 392 -39.83 7.98 -12.91
C GLN B 392 -39.03 7.90 -14.21
N LEU B 393 -39.68 7.69 -15.35
CA LEU B 393 -38.97 7.41 -16.60
C LEU B 393 -38.05 8.53 -17.06
N TYR B 394 -38.12 9.72 -16.44
CA TYR B 394 -37.18 10.79 -16.77
C TYR B 394 -35.74 10.32 -16.65
N VAL B 395 -35.43 9.55 -15.60
CA VAL B 395 -34.06 9.11 -15.34
C VAL B 395 -33.53 8.22 -16.46
N ALA B 396 -34.40 7.49 -17.15
CA ALA B 396 -33.96 6.60 -18.22
C ALA B 396 -33.48 7.38 -19.43
N LEU B 397 -34.11 8.52 -19.72
CA LEU B 397 -33.70 9.36 -20.85
C LEU B 397 -32.33 9.99 -20.59
N THR B 398 -32.06 10.38 -19.33
CA THR B 398 -30.79 11.00 -18.96
C THR B 398 -29.59 10.08 -19.17
N ARG B 399 -29.82 8.78 -19.39
CA ARG B 399 -28.72 7.83 -19.54
C ARG B 399 -27.91 8.05 -20.81
N VAL B 400 -28.32 8.97 -21.69
CA VAL B 400 -27.59 9.20 -22.93
C VAL B 400 -27.26 10.68 -23.06
N ARG B 401 -26.18 10.96 -23.81
CA ARG B 401 -25.75 12.35 -24.01
C ARG B 401 -26.54 13.04 -25.12
N ARG B 402 -26.89 12.33 -26.19
CA ARG B 402 -27.53 12.95 -27.35
C ARG B 402 -28.79 12.19 -27.72
N LEU B 403 -29.78 12.94 -28.19
CA LEU B 403 -31.02 12.34 -28.68
C LEU B 403 -30.72 11.32 -29.78
N GLN B 404 -29.76 11.63 -30.66
CA GLN B 404 -29.45 10.77 -31.79
C GLN B 404 -29.10 9.34 -31.38
N ASP B 405 -28.63 9.15 -30.14
CA ASP B 405 -28.22 7.84 -29.65
C ASP B 405 -29.37 7.02 -29.09
N LEU B 406 -30.39 7.68 -28.56
CA LEU B 406 -31.46 7.02 -27.82
C LEU B 406 -32.56 6.52 -28.75
N SER B 407 -33.02 5.30 -28.49
CA SER B 407 -34.12 4.67 -29.21
C SER B 407 -35.19 4.23 -28.21
N LEU B 408 -36.44 4.15 -28.68
CA LEU B 408 -37.56 3.72 -27.85
C LEU B 408 -38.34 2.61 -28.55
N SER B 409 -38.86 1.69 -27.74
CA SER B 409 -39.69 0.60 -28.28
C SER B 409 -41.09 1.08 -28.64
N ARG B 410 -41.62 2.06 -27.92
CA ARG B 410 -42.96 2.58 -28.14
C ARG B 410 -43.02 4.03 -27.68
N PRO B 411 -43.91 4.84 -28.26
CA PRO B 411 -44.04 6.24 -27.81
C PRO B 411 -44.40 6.35 -26.33
N ILE B 412 -43.86 7.38 -25.68
CA ILE B 412 -43.97 7.57 -24.24
C ILE B 412 -45.18 8.46 -23.95
N ALA B 413 -46.00 8.04 -22.98
CA ALA B 413 -47.11 8.86 -22.53
C ALA B 413 -46.59 10.14 -21.86
N PRO B 414 -47.34 11.25 -21.97
CA PRO B 414 -46.89 12.49 -21.31
C PRO B 414 -46.64 12.35 -19.82
N THR B 415 -47.38 11.49 -19.14
CA THR B 415 -47.25 11.36 -17.69
C THR B 415 -45.94 10.70 -17.29
N GLU B 416 -45.43 9.78 -18.10
CA GLU B 416 -44.26 8.97 -17.74
C GLU B 416 -43.00 9.81 -17.50
N LEU B 417 -43.00 11.08 -17.88
CA LEU B 417 -41.81 11.92 -17.77
C LEU B 417 -42.00 13.18 -16.92
N LEU B 418 -43.23 13.59 -16.62
CA LEU B 418 -43.46 14.84 -15.93
C LEU B 418 -43.16 14.72 -14.45
N TRP B 419 -42.18 15.49 -13.99
CA TRP B 419 -41.73 15.51 -12.60
C TRP B 419 -42.87 15.84 -11.65
N ARG B 420 -42.65 15.50 -10.37
CA ARG B 420 -43.55 15.85 -9.29
C ARG B 420 -43.39 17.32 -8.92
N PRO B 421 -44.50 18.03 -8.64
CA PRO B 421 -44.40 19.45 -8.25
C PRO B 421 -43.45 19.70 -7.09
N GLU B 422 -43.46 18.79 -6.10
CA GLU B 422 -42.54 18.88 -4.97
C GLU B 422 -41.08 18.98 -5.43
N VAL B 423 -40.72 18.21 -6.46
CA VAL B 423 -39.33 18.19 -6.93
C VAL B 423 -38.99 19.50 -7.65
N GLU B 424 -39.92 20.01 -8.46
CA GLU B 424 -39.64 21.20 -9.26
C GLU B 424 -39.46 22.44 -8.37
N VAL B 425 -40.15 22.49 -7.22
CA VAL B 425 -39.93 23.60 -6.29
C VAL B 425 -38.66 23.40 -5.48
N PHE B 426 -38.23 22.14 -5.31
CA PHE B 426 -36.96 21.87 -4.64
C PHE B 426 -35.78 22.21 -5.53
N GLU B 427 -35.85 21.86 -6.81
CA GLU B 427 -34.77 22.17 -7.75
C GLU B 427 -34.49 23.66 -7.80
N THR B 428 -35.53 24.49 -7.70
CA THR B 428 -35.33 25.94 -7.82
C THR B 428 -34.68 26.52 -6.58
N ARG B 429 -34.90 25.92 -5.42
CA ARG B 429 -34.21 26.33 -4.20
C ARG B 429 -32.92 25.54 -3.98
N ILE B 430 -32.40 24.90 -5.02
CA ILE B 430 -31.08 24.28 -4.99
C ILE B 430 -30.04 25.20 -5.60
N GLN B 431 -30.38 25.86 -6.70
CA GLN B 431 -29.49 26.88 -7.27
C GLN B 431 -29.31 28.08 -6.33
N GLU B 432 -30.26 28.32 -5.41
CA GLU B 432 -30.05 29.34 -4.40
C GLU B 432 -28.96 28.93 -3.41
N GLY B 433 -28.91 27.65 -3.06
CA GLY B 433 -27.86 27.10 -2.23
C GLY B 433 -28.32 26.73 -0.83
N ILE B 434 -29.18 27.55 -0.24
CA ILE B 434 -29.79 27.25 1.06
C ILE B 434 -31.22 26.79 0.83
N TRP B 435 -31.54 25.59 1.30
CA TRP B 435 -32.91 25.08 1.29
C TRP B 435 -33.38 24.89 2.73
N GLN B 436 -34.46 25.58 3.11
CA GLN B 436 -35.08 25.41 4.42
C GLN B 436 -36.59 25.32 4.26
N LYS B 437 -37.23 24.50 5.10
CA LYS B 437 -38.67 24.25 5.02
C LYS B 437 -39.48 25.13 5.97
N SER B 438 -38.96 26.28 6.39
CA SER B 438 -39.70 27.16 7.29
C SER B 438 -41.00 27.66 6.66
N HIS B 439 -40.87 28.39 5.55
CA HIS B 439 -41.93 29.20 4.91
C HIS B 439 -43.29 29.22 5.61
#